data_3GBN
#
_entry.id   3GBN
#
_cell.length_a   201.918
_cell.length_b   202.249
_cell.length_c   202.707
_cell.angle_alpha   90.00
_cell.angle_beta   90.00
_cell.angle_gamma   90.00
#
_symmetry.space_group_name_H-M   'I 21 3'
#
loop_
_entity.id
_entity.type
_entity.pdbx_description
1 polymer Hemagglutinin
2 polymer Hemagglutinin
3 polymer 'Fab Heavy Chain'
4 polymer 'Fab Lambda Light Chain'
5 branched alpha-D-mannopyranose-(1-3)-beta-D-mannopyranose-(1-4)-2-acetamido-2-deoxy-beta-D-glucopyranose-(1-4)-2-acetamido-2-deoxy-beta-D-glucopyranose
6 non-polymer 2-acetamido-2-deoxy-beta-D-glucopyranose
7 non-polymer 1,2-ETHANEDIOL
8 non-polymer GLYCEROL
9 non-polymer 2-ETHOXYETHANOL
10 non-polymer 'CHLORIDE ION'
11 non-polymer 'UNKNOWN LIGAND'
12 water water
#
loop_
_entity_poly.entity_id
_entity_poly.type
_entity_poly.pdbx_seq_one_letter_code
_entity_poly.pdbx_strand_id
1 'polypeptide(L)'
;ADPGDTICIGYHANNSTDTVDTVLEKNVTVTHSVNLLEDSHNGKLCKLKGIAPLQLGKCNIAGWLLGNPECDLLLTASSW
SYIVETSNSENGTCYPGDFIDYEELREQLSSVSSFEKFEIFPKTSSWPNHETTKGVTAACSYAGASSFYRNLLWLTKKGS
SYPKLSKSYVNNKGKEVLVLWGVHHPPTGTDQQSLYQNADAYVSVGSSKYNRRFTPEIAARPKVRDQAGRMNYYWTLLEP
GDTITFEATGNLIAPWYAFALNRGSGSGIITSDAPVHDCNTKCQTPHGAINSSLPFQNIHPVTIGECPKYVRSTKLRMAT
GLRNIPSIQSR
;
A
2 'polypeptide(L)'
;GLFGAIAGFIEGGWTGMIDGWYGYHHQNEQGSGYAADQKSTQNAIDGITNKVNSVIEKMNTQFTAVGKEFNNLERRIENL
NKKVDDGFLDIWTYNAELLVLLENERTLDFHDSNVRNLYEKVKSQLKNNAKEIGNGCFEFYHKCDDACMESVRNGTYDYP
KYSEESKLNREEIDGVSGR
;
B
3 'polypeptide(L)'
;EVQLVESGAEVKKPGSSVKVSCKASGGPFRSYAISWVRQAPGQGPEWMGGIIPIFGTTKYAPKFQGRVTITADDFAGTVY
MELSSLRSEDTAMYYCAKHMGYQVRETMDVWGKGTTVTVSSASTKGPSVFPLAPSSKSTSGGTAALGCLVKDYFPEPVTV
SWNSGALTSGVHTFPAVLQSSGLYSLSSVVTVPSSSLGTQTYICNVNHKPSNTKVDKRVEPKSCDK
;
H
4 'polypeptide(L)'
;QSVLTQPPSVSAAPGQKVTISCSGSSSNIGNDYVSWYQQLPGTAPKLLIYDNNKRPSGIPDRFSGSKSGTSATLGITGLQ
TGDEANYYCATWDRRPTAYVVFGGGTKLTVLGAAAGQPKAAPSVTLFPPSSEELQANKATLVCLISDFYPGAVTVAWKAD
SSPVKAGVETTTPSKQSNNKYAASSYLSLTPEQWKSHRSYSCQVTHEGSTVEKTVAPTECS
;
L
#
# COMPACT_ATOMS: atom_id res chain seq x y z
N ALA A 1 -18.68 40.19 35.12
CA ALA A 1 -19.20 40.59 36.43
C ALA A 1 -18.04 40.54 37.46
N ASP A 2 -17.69 41.62 38.15
CA ASP A 2 -18.06 42.96 37.78
C ASP A 2 -17.43 43.14 36.35
N PRO A 3 -16.14 42.75 36.10
CA PRO A 3 -15.43 43.27 34.85
C PRO A 3 -15.83 42.65 33.48
N GLY A 4 -16.67 41.62 33.50
CA GLY A 4 -17.19 41.00 32.26
C GLY A 4 -16.33 39.94 31.60
N ASP A 5 -15.40 39.29 32.31
CA ASP A 5 -14.66 38.22 31.68
C ASP A 5 -15.60 37.02 31.38
N THR A 6 -15.30 36.31 30.30
CA THR A 6 -16.15 35.24 29.81
C THR A 6 -15.33 34.12 29.29
N ILE A 7 -15.91 32.95 29.40
CA ILE A 7 -15.47 31.79 28.72
C ILE A 7 -16.68 31.12 28.09
N CYS A 8 -16.47 30.59 26.88
CA CYS A 8 -17.55 29.96 26.10
C CYS A 8 -17.02 28.63 25.61
N ILE A 9 -17.93 27.67 25.54
CA ILE A 9 -17.70 26.34 25.01
C ILE A 9 -18.29 26.28 23.62
N GLY A 10 -17.56 25.66 22.70
CA GLY A 10 -18.02 25.61 21.31
C GLY A 10 -17.36 24.53 20.52
N TYR A 11 -17.64 24.53 19.24
CA TYR A 11 -17.22 23.44 18.41
C TYR A 11 -16.70 24.02 17.09
N HIS A 12 -15.91 23.22 16.39
CA HIS A 12 -15.24 23.59 15.15
C HIS A 12 -16.20 23.74 13.97
N ALA A 13 -15.94 24.74 13.14
CA ALA A 13 -16.50 24.81 11.79
C ALA A 13 -15.39 25.09 10.81
N ASN A 14 -15.65 24.87 9.51
CA ASN A 14 -14.66 25.20 8.49
C ASN A 14 -15.41 25.46 7.20
N ASN A 15 -14.67 25.62 6.13
CA ASN A 15 -15.27 25.85 4.85
C ASN A 15 -15.52 24.59 4.05
N SER A 16 -15.56 23.41 4.68
CA SER A 16 -15.78 22.16 3.91
C SER A 16 -17.20 22.20 3.30
N THR A 17 -17.42 21.67 2.11
CA THR A 17 -18.78 21.62 1.56
C THR A 17 -19.22 20.17 1.28
N ASP A 18 -18.46 19.18 1.71
CA ASP A 18 -18.92 17.77 1.61
C ASP A 18 -20.14 17.46 2.51
N THR A 19 -20.99 16.60 2.02
CA THR A 19 -22.25 16.29 2.62
C THR A 19 -22.31 14.81 2.82
N VAL A 20 -23.07 14.41 3.84
CA VAL A 20 -23.38 13.04 4.14
C VAL A 20 -24.90 12.90 4.35
N ASP A 21 -25.41 11.68 4.18
CA ASP A 21 -26.78 11.44 4.44
C ASP A 21 -26.85 10.69 5.74
N THR A 22 -27.91 10.98 6.47
CA THR A 22 -28.29 10.20 7.63
C THR A 22 -29.71 9.64 7.35
N VAL A 23 -30.30 9.03 8.36
CA VAL A 23 -31.63 8.43 8.25
C VAL A 23 -32.66 9.56 8.39
N LEU A 24 -32.39 10.52 9.27
CA LEU A 24 -33.35 11.56 9.52
C LEU A 24 -33.24 12.74 8.49
N GLU A 25 -32.13 12.84 7.80
CA GLU A 25 -31.75 14.07 7.10
C GLU A 25 -30.75 13.82 6.00
N LYS A 26 -31.09 14.23 4.81
CA LYS A 26 -30.17 14.07 3.69
C LYS A 26 -29.30 15.31 3.54
N ASN A 27 -28.14 15.16 2.92
N ASN A 27 -28.13 15.13 2.93
CA ASN A 27 -27.31 16.27 2.50
CA ASN A 27 -27.30 16.22 2.45
C ASN A 27 -26.87 17.16 3.65
C ASN A 27 -26.85 17.14 3.60
N VAL A 28 -26.25 16.57 4.64
CA VAL A 28 -25.83 17.32 5.84
C VAL A 28 -24.35 17.69 5.63
N THR A 29 -24.06 18.98 5.62
CA THR A 29 -22.68 19.46 5.46
C THR A 29 -21.91 19.18 6.76
N VAL A 30 -20.83 18.39 6.66
CA VAL A 30 -20.03 18.08 7.85
C VAL A 30 -18.60 18.67 7.71
N THR A 31 -17.86 18.72 8.80
CA THR A 31 -16.53 19.37 8.84
C THR A 31 -15.49 18.42 8.27
N HIS A 32 -15.68 17.12 8.47
CA HIS A 32 -14.74 16.13 7.99
C HIS A 32 -15.49 14.85 7.61
N SER A 33 -15.02 14.14 6.59
CA SER A 33 -15.72 12.93 6.14
C SER A 33 -14.78 12.17 5.23
N VAL A 34 -15.09 10.91 4.94
CA VAL A 34 -14.27 10.09 4.11
C VAL A 34 -15.17 9.38 3.12
N ASN A 35 -14.66 9.22 1.91
CA ASN A 35 -15.31 8.49 0.89
C ASN A 35 -14.84 7.02 0.94
N LEU A 36 -15.80 6.09 0.98
CA LEU A 36 -15.56 4.67 1.02
C LEU A 36 -15.63 4.01 -0.32
N LEU A 37 -16.00 4.76 -1.36
CA LEU A 37 -16.33 4.18 -2.67
C LEU A 37 -15.40 4.54 -3.82
N GLU A 38 -14.68 3.57 -4.38
CA GLU A 38 -13.73 3.85 -5.46
C GLU A 38 -14.51 3.80 -6.76
N ASP A 39 -14.43 4.87 -7.52
CA ASP A 39 -15.06 4.94 -8.83
C ASP A 39 -14.11 5.31 -9.94
N SER A 40 -12.81 5.16 -9.73
CA SER A 40 -11.81 5.48 -10.75
C SER A 40 -10.91 4.28 -11.07
N HIS A 41 -10.56 4.17 -12.34
CA HIS A 41 -9.66 3.13 -12.86
C HIS A 41 -8.80 3.77 -13.92
N ASN A 42 -7.70 3.11 -14.33
CA ASN A 42 -6.77 3.75 -15.26
C ASN A 42 -7.01 3.34 -16.72
N GLY A 43 -8.09 2.62 -17.00
CA GLY A 43 -8.45 2.35 -18.37
C GLY A 43 -7.53 1.40 -19.12
N LYS A 44 -6.64 0.73 -18.40
CA LYS A 44 -5.69 -0.23 -18.96
C LYS A 44 -5.79 -1.63 -18.32
N LEU A 45 -5.24 -2.61 -19.03
CA LEU A 45 -5.06 -3.96 -18.53
C LEU A 45 -3.59 -4.09 -18.15
N CYS A 46 -3.32 -4.47 -16.92
CA CYS A 46 -2.03 -4.36 -16.35
C CYS A 46 -1.59 -5.73 -15.91
N LYS A 47 -0.31 -5.81 -15.60
CA LYS A 47 0.29 -6.96 -14.93
C LYS A 47 -0.17 -7.07 -13.48
N LEU A 48 -0.20 -8.31 -12.99
CA LEU A 48 -0.27 -8.64 -11.55
C LEU A 48 0.96 -9.45 -11.13
N LYS A 49 1.61 -9.07 -10.03
CA LYS A 49 2.88 -9.69 -9.57
C LYS A 49 3.97 -9.73 -10.64
N GLY A 50 4.02 -8.68 -11.47
CA GLY A 50 4.99 -8.59 -12.56
C GLY A 50 4.67 -9.48 -13.76
N ILE A 51 3.51 -10.14 -13.75
CA ILE A 51 3.17 -11.02 -14.84
C ILE A 51 2.07 -10.42 -15.70
N ALA A 52 2.35 -10.34 -17.00
CA ALA A 52 1.40 -9.84 -17.98
C ALA A 52 0.29 -10.83 -18.21
N PRO A 53 -0.90 -10.33 -18.53
CA PRO A 53 -1.95 -11.23 -18.93
C PRO A 53 -1.63 -11.87 -20.25
N LEU A 54 -2.45 -12.83 -20.66
CA LEU A 54 -2.34 -13.44 -21.98
C LEU A 54 -3.46 -12.80 -22.81
N GLN A 55 -3.09 -12.07 -23.86
N GLN A 55 -3.05 -12.04 -23.82
CA GLN A 55 -4.05 -11.39 -24.73
CA GLN A 55 -3.95 -11.45 -24.79
C GLN A 55 -4.27 -12.26 -25.96
C GLN A 55 -4.18 -12.49 -25.85
N LEU A 56 -5.42 -12.89 -26.04
CA LEU A 56 -5.74 -13.81 -27.10
C LEU A 56 -6.15 -13.06 -28.35
N GLY A 57 -6.59 -11.82 -28.16
CA GLY A 57 -6.75 -10.85 -29.25
C GLY A 57 -7.82 -11.30 -30.19
N LYS A 58 -7.43 -11.53 -31.44
CA LYS A 58 -8.36 -12.02 -32.47
C LYS A 58 -8.83 -13.48 -32.25
N CYS A 59 -8.12 -14.23 -31.40
CA CYS A 59 -8.49 -15.62 -31.03
C CYS A 59 -9.24 -15.80 -29.69
N ASN A 60 -9.94 -16.93 -29.58
CA ASN A 60 -10.66 -17.33 -28.38
C ASN A 60 -9.98 -18.58 -27.82
N ILE A 61 -10.48 -19.08 -26.70
CA ILE A 61 -9.74 -20.11 -25.96
C ILE A 61 -9.54 -21.33 -26.85
N ALA A 62 -10.54 -21.63 -27.68
CA ALA A 62 -10.57 -22.82 -28.53
C ALA A 62 -9.50 -22.75 -29.63
N GLY A 63 -9.41 -21.59 -30.29
CA GLY A 63 -8.38 -21.33 -31.30
C GLY A 63 -7.00 -21.36 -30.69
N TRP A 64 -6.89 -20.93 -29.44
CA TRP A 64 -5.60 -20.96 -28.72
C TRP A 64 -5.12 -22.40 -28.44
N LEU A 65 -5.96 -23.20 -27.81
CA LEU A 65 -5.51 -24.51 -27.35
C LEU A 65 -5.36 -25.50 -28.51
N LEU A 66 -6.28 -25.45 -29.47
CA LEU A 66 -6.22 -26.30 -30.64
C LEU A 66 -5.07 -25.89 -31.54
N GLY A 67 -4.79 -24.59 -31.60
CA GLY A 67 -3.70 -24.06 -32.42
C GLY A 67 -4.14 -23.66 -33.81
N ASN A 68 -5.31 -23.03 -33.89
CA ASN A 68 -5.73 -22.31 -35.08
C ASN A 68 -4.54 -21.52 -35.68
N PRO A 69 -4.36 -21.61 -37.01
CA PRO A 69 -3.23 -21.00 -37.74
C PRO A 69 -3.16 -19.48 -37.67
N GLU A 70 -4.33 -18.83 -37.48
CA GLU A 70 -4.42 -17.39 -37.18
C GLU A 70 -3.96 -16.99 -35.74
N CYS A 71 -3.61 -17.97 -34.90
CA CYS A 71 -3.25 -17.69 -33.51
C CYS A 71 -1.78 -17.95 -33.22
N ASP A 72 -0.98 -17.99 -34.26
CA ASP A 72 0.43 -18.37 -34.15
C ASP A 72 1.20 -17.51 -33.17
N LEU A 73 0.79 -16.25 -33.04
CA LEU A 73 1.29 -15.38 -31.96
C LEU A 73 1.22 -16.03 -30.55
N LEU A 74 0.27 -16.93 -30.33
CA LEU A 74 0.06 -17.51 -28.99
C LEU A 74 0.95 -18.72 -28.67
N LEU A 75 1.64 -19.24 -29.69
CA LEU A 75 2.34 -20.52 -29.58
C LEU A 75 3.39 -20.52 -28.50
N THR A 76 4.06 -19.38 -28.31
CA THR A 76 5.15 -19.26 -27.34
C THR A 76 4.70 -18.88 -25.93
N ALA A 77 3.41 -18.54 -25.77
CA ALA A 77 2.86 -18.24 -24.43
C ALA A 77 2.91 -19.45 -23.49
N SER A 78 3.53 -19.26 -22.32
CA SER A 78 3.62 -20.30 -21.28
C SER A 78 3.16 -19.88 -19.88
N SER A 79 3.12 -18.58 -19.59
CA SER A 79 2.59 -18.13 -18.32
C SER A 79 1.99 -16.70 -18.37
N TRP A 80 0.99 -16.47 -17.52
CA TRP A 80 0.15 -15.28 -17.55
C TRP A 80 -0.48 -15.05 -16.19
N SER A 81 -0.90 -13.84 -15.88
CA SER A 81 -1.62 -13.57 -14.62
C SER A 81 -3.15 -13.63 -14.81
N TYR A 82 -3.61 -13.40 -16.03
CA TYR A 82 -4.99 -13.71 -16.38
C TYR A 82 -5.07 -13.81 -17.92
N ILE A 83 -6.19 -14.28 -18.43
CA ILE A 83 -6.40 -14.50 -19.85
C ILE A 83 -7.49 -13.53 -20.31
N VAL A 84 -7.25 -12.87 -21.45
CA VAL A 84 -8.15 -11.85 -21.99
C VAL A 84 -8.66 -12.23 -23.35
N GLU A 85 -9.97 -12.36 -23.49
CA GLU A 85 -10.61 -12.39 -24.77
C GLU A 85 -11.11 -10.96 -25.04
N THR A 86 -11.22 -10.60 -26.32
CA THR A 86 -11.69 -9.29 -26.71
C THR A 86 -13.08 -9.49 -27.34
N SER A 87 -13.76 -8.39 -27.65
CA SER A 87 -15.02 -8.47 -28.41
C SER A 87 -14.80 -8.89 -29.87
N ASN A 88 -13.55 -9.06 -30.28
CA ASN A 88 -13.24 -9.64 -31.59
C ASN A 88 -12.51 -11.00 -31.52
N SER A 89 -12.72 -11.73 -30.42
CA SER A 89 -12.16 -13.09 -30.30
C SER A 89 -13.01 -14.08 -31.08
N GLU A 90 -12.72 -14.24 -32.37
CA GLU A 90 -13.56 -15.07 -33.26
C GLU A 90 -12.86 -16.26 -33.95
N ASN A 91 -11.53 -16.27 -34.01
CA ASN A 91 -10.81 -17.39 -34.55
C ASN A 91 -10.69 -18.54 -33.54
N GLY A 92 -11.65 -19.48 -33.61
CA GLY A 92 -11.66 -20.65 -32.74
C GLY A 92 -11.49 -21.96 -33.50
N THR A 93 -12.59 -22.66 -33.75
CA THR A 93 -12.56 -23.87 -34.53
C THR A 93 -12.69 -23.47 -36.00
N CYS A 94 -11.60 -23.47 -36.74
CA CYS A 94 -11.68 -23.09 -38.15
C CYS A 94 -12.40 -24.17 -38.99
N TYR A 95 -12.14 -25.46 -38.76
CA TYR A 95 -13.00 -26.53 -39.31
C TYR A 95 -14.19 -26.78 -38.38
N PRO A 96 -15.41 -26.53 -38.86
CA PRO A 96 -16.62 -26.49 -38.02
C PRO A 96 -16.98 -27.82 -37.32
N GLY A 97 -17.81 -27.71 -36.29
CA GLY A 97 -18.23 -28.82 -35.42
C GLY A 97 -18.22 -28.38 -33.94
N ASP A 98 -18.71 -29.22 -33.05
CA ASP A 98 -18.93 -28.83 -31.65
C ASP A 98 -17.68 -29.09 -30.81
N PHE A 99 -17.31 -28.12 -29.98
CA PHE A 99 -16.29 -28.34 -28.95
C PHE A 99 -17.00 -28.87 -27.69
N ILE A 100 -16.90 -30.18 -27.46
CA ILE A 100 -17.60 -30.87 -26.36
C ILE A 100 -17.11 -30.40 -24.95
N ASP A 101 -18.06 -30.11 -24.06
CA ASP A 101 -17.78 -29.60 -22.68
C ASP A 101 -16.81 -28.43 -22.66
N TYR A 102 -17.00 -27.52 -23.60
CA TYR A 102 -16.17 -26.34 -23.74
C TYR A 102 -16.32 -25.41 -22.52
N GLU A 103 -17.52 -25.26 -22.00
CA GLU A 103 -17.72 -24.33 -20.85
C GLU A 103 -17.00 -24.89 -19.64
N GLU A 104 -17.01 -26.21 -19.47
CA GLU A 104 -16.18 -26.82 -18.46
C GLU A 104 -14.69 -26.61 -18.69
N LEU A 105 -14.21 -26.72 -19.93
CA LEU A 105 -12.78 -26.50 -20.17
C LEU A 105 -12.39 -25.09 -19.74
N ARG A 106 -13.24 -24.12 -20.05
CA ARG A 106 -13.01 -22.74 -19.65
C ARG A 106 -12.99 -22.58 -18.13
N GLU A 107 -13.84 -23.32 -17.41
CA GLU A 107 -13.84 -23.25 -15.98
C GLU A 107 -12.53 -23.82 -15.45
N GLN A 108 -12.05 -24.92 -16.03
CA GLN A 108 -10.74 -25.50 -15.63
C GLN A 108 -9.57 -24.55 -15.86
N LEU A 109 -9.57 -23.86 -16.99
CA LEU A 109 -8.44 -22.99 -17.37
C LEU A 109 -8.30 -21.75 -16.54
N SER A 110 -9.42 -21.37 -15.93
CA SER A 110 -9.55 -20.23 -15.10
C SER A 110 -8.64 -20.36 -13.88
N SER A 111 -8.31 -21.58 -13.46
CA SER A 111 -7.34 -21.77 -12.39
C SER A 111 -6.00 -22.30 -12.91
N VAL A 112 -5.63 -21.98 -14.15
CA VAL A 112 -4.32 -22.35 -14.68
C VAL A 112 -3.50 -21.09 -14.88
N SER A 113 -2.34 -21.00 -14.23
CA SER A 113 -1.46 -19.80 -14.32
C SER A 113 -0.30 -19.93 -15.30
N SER A 114 0.07 -21.16 -15.62
CA SER A 114 1.09 -21.40 -16.63
C SER A 114 1.00 -22.84 -17.09
N PHE A 115 1.63 -23.15 -18.20
CA PHE A 115 1.82 -24.55 -18.57
C PHE A 115 3.18 -24.84 -19.24
N GLU A 116 3.43 -26.12 -19.50
CA GLU A 116 4.53 -26.59 -20.33
C GLU A 116 3.94 -27.36 -21.49
N LYS A 117 3.93 -26.74 -22.67
CA LYS A 117 3.54 -27.39 -23.91
C LYS A 117 4.63 -28.39 -24.30
N PHE A 118 4.23 -29.48 -24.92
CA PHE A 118 5.21 -30.45 -25.39
C PHE A 118 4.54 -31.31 -26.43
N GLU A 119 5.36 -31.98 -27.22
CA GLU A 119 4.90 -32.77 -28.36
C GLU A 119 4.58 -34.18 -27.88
N ILE A 120 3.29 -34.42 -27.64
CA ILE A 120 2.86 -35.66 -27.00
C ILE A 120 3.03 -36.89 -27.90
N PHE A 121 2.55 -36.79 -29.15
CA PHE A 121 2.79 -37.79 -30.19
C PHE A 121 3.48 -37.06 -31.34
N PRO A 122 4.82 -37.00 -31.30
CA PRO A 122 5.57 -36.29 -32.34
C PRO A 122 5.12 -36.73 -33.73
N LYS A 123 4.94 -35.77 -34.62
CA LYS A 123 4.50 -36.04 -35.99
C LYS A 123 5.66 -36.73 -36.69
N THR A 124 5.34 -37.72 -37.53
CA THR A 124 6.32 -38.48 -38.35
C THR A 124 7.39 -39.23 -37.49
N SER A 125 6.94 -39.93 -36.45
CA SER A 125 7.85 -40.59 -35.48
C SER A 125 7.05 -41.58 -34.64
N SER A 126 5.95 -41.09 -34.09
CA SER A 126 4.98 -41.94 -33.40
C SER A 126 4.04 -42.63 -34.39
N TRP A 127 4.02 -42.17 -35.65
CA TRP A 127 3.12 -42.74 -36.66
C TRP A 127 3.88 -43.35 -37.89
N PRO A 128 4.68 -44.41 -37.66
CA PRO A 128 5.45 -45.05 -38.75
C PRO A 128 4.65 -45.52 -39.95
N ASN A 129 3.41 -45.98 -39.75
CA ASN A 129 2.63 -46.52 -40.87
C ASN A 129 1.25 -45.89 -41.07
N HIS A 130 1.18 -44.58 -40.86
CA HIS A 130 0.06 -43.77 -41.33
C HIS A 130 0.57 -42.51 -42.02
N GLU A 131 -0.25 -41.96 -42.91
CA GLU A 131 0.10 -40.73 -43.64
C GLU A 131 0.00 -39.50 -42.71
N THR A 132 0.90 -38.53 -42.94
CA THR A 132 0.89 -37.27 -42.22
C THR A 132 0.97 -36.10 -43.22
N THR A 133 -0.09 -35.98 -44.02
CA THR A 133 -0.42 -34.74 -44.74
C THR A 133 -1.78 -34.85 -45.45
N LYS A 134 -2.37 -33.69 -45.77
CA LYS A 134 -3.58 -33.57 -46.61
C LYS A 134 -4.83 -34.41 -46.17
N GLY A 135 -5.64 -33.90 -45.26
CA GLY A 135 -5.53 -32.56 -44.72
C GLY A 135 -4.44 -32.36 -43.69
N VAL A 136 -4.04 -31.11 -43.41
CA VAL A 136 -4.33 -29.86 -44.20
C VAL A 136 -5.74 -29.56 -44.78
N THR A 137 -6.11 -28.27 -44.82
CA THR A 137 -7.39 -27.84 -45.42
C THR A 137 -7.46 -26.32 -45.55
N ALA A 138 -8.20 -25.86 -46.57
CA ALA A 138 -8.38 -24.42 -46.83
C ALA A 138 -9.23 -23.74 -45.76
N ALA A 139 -10.15 -24.48 -45.16
CA ALA A 139 -10.89 -23.98 -43.99
C ALA A 139 -9.95 -23.37 -42.95
N CYS A 140 -8.77 -23.95 -42.78
CA CYS A 140 -7.76 -23.46 -41.84
C CYS A 140 -6.53 -23.01 -42.58
N SER A 141 -6.64 -21.88 -43.28
CA SER A 141 -5.58 -21.42 -44.20
C SER A 141 -4.49 -20.60 -43.51
N TYR A 142 -3.31 -20.58 -44.13
CA TYR A 142 -2.21 -19.72 -43.71
C TYR A 142 -1.38 -19.25 -44.91
N ALA A 143 -1.40 -17.95 -45.18
CA ALA A 143 -0.72 -17.37 -46.34
C ALA A 143 -1.25 -17.93 -47.65
N GLY A 144 -2.58 -18.02 -47.77
CA GLY A 144 -3.25 -18.44 -49.01
C GLY A 144 -2.92 -19.85 -49.47
N ALA A 145 -2.81 -20.77 -48.52
CA ALA A 145 -2.62 -22.19 -48.78
C ALA A 145 -3.19 -22.95 -47.59
N SER A 146 -3.85 -24.06 -47.90
CA SER A 146 -4.48 -24.90 -46.90
C SER A 146 -3.48 -25.33 -45.83
N SER A 147 -3.90 -25.21 -44.56
CA SER A 147 -3.05 -25.54 -43.42
C SER A 147 -3.91 -26.19 -42.33
N PHE A 148 -3.37 -26.33 -41.11
CA PHE A 148 -4.09 -26.96 -40.01
C PHE A 148 -3.67 -26.44 -38.65
N TYR A 149 -4.38 -26.94 -37.62
CA TYR A 149 -4.05 -26.69 -36.24
C TYR A 149 -2.60 -27.08 -35.93
N ARG A 150 -1.90 -26.25 -35.17
CA ARG A 150 -0.53 -26.55 -34.78
C ARG A 150 -0.44 -27.58 -33.64
N ASN A 151 -1.55 -27.87 -32.98
CA ASN A 151 -1.51 -28.79 -31.84
C ASN A 151 -2.13 -30.12 -32.12
N LEU A 152 -3.05 -30.19 -33.09
CA LEU A 152 -3.61 -31.46 -33.56
C LEU A 152 -2.92 -31.91 -34.88
N LEU A 153 -2.99 -33.20 -35.20
CA LEU A 153 -2.43 -33.78 -36.45
C LEU A 153 -3.47 -34.65 -37.15
N TRP A 154 -3.89 -34.20 -38.33
CA TRP A 154 -4.93 -34.88 -39.09
C TRP A 154 -4.35 -36.13 -39.80
N LEU A 155 -4.67 -37.33 -39.30
CA LEU A 155 -4.16 -38.59 -39.86
C LEU A 155 -5.00 -39.07 -41.06
N THR A 156 -4.31 -39.68 -42.01
CA THR A 156 -4.89 -40.12 -43.29
C THR A 156 -4.32 -41.47 -43.78
N LYS A 157 -5.02 -42.08 -44.73
CA LYS A 157 -4.62 -43.40 -45.28
C LYS A 157 -3.22 -43.37 -45.87
N LYS A 158 -2.47 -44.46 -45.66
CA LYS A 158 -1.19 -44.69 -46.33
C LYS A 158 -1.44 -45.52 -47.60
N GLY A 159 -2.13 -44.91 -48.56
CA GLY A 159 -2.50 -45.56 -49.81
C GLY A 159 -3.41 -46.77 -49.63
N SER A 160 -4.71 -46.51 -49.47
CA SER A 160 -5.75 -47.57 -49.52
C SER A 160 -5.87 -48.43 -48.25
N SER A 161 -4.78 -48.56 -47.50
CA SER A 161 -4.77 -49.24 -46.19
C SER A 161 -4.79 -48.24 -45.03
N TYR A 162 -5.27 -48.71 -43.88
CA TYR A 162 -5.18 -47.97 -42.62
C TYR A 162 -5.36 -48.98 -41.47
N PRO A 163 -4.24 -49.42 -40.87
CA PRO A 163 -4.28 -50.40 -39.77
C PRO A 163 -4.68 -49.81 -38.40
N LYS A 164 -5.44 -50.58 -37.62
CA LYS A 164 -5.90 -50.18 -36.29
C LYS A 164 -4.75 -49.74 -35.37
N LEU A 165 -4.57 -48.42 -35.24
CA LEU A 165 -3.49 -47.86 -34.43
C LEU A 165 -3.77 -48.00 -32.95
N SER A 166 -2.72 -47.95 -32.16
CA SER A 166 -2.85 -47.95 -30.72
C SER A 166 -1.67 -47.18 -30.12
N LYS A 167 -1.87 -45.87 -29.94
CA LYS A 167 -0.84 -44.97 -29.41
C LYS A 167 -1.19 -44.58 -27.98
N SER A 168 -0.21 -44.69 -27.09
CA SER A 168 -0.43 -44.53 -25.67
C SER A 168 0.63 -43.64 -25.05
N TYR A 169 0.19 -42.68 -24.23
CA TYR A 169 1.12 -41.81 -23.54
C TYR A 169 0.95 -41.92 -22.03
N VAL A 170 2.09 -41.93 -21.33
CA VAL A 170 2.14 -42.02 -19.87
C VAL A 170 2.53 -40.68 -19.28
N ASN A 171 1.79 -40.23 -18.28
CA ASN A 171 2.05 -38.91 -17.73
C ASN A 171 3.19 -38.90 -16.71
N ASN A 172 4.40 -38.67 -17.20
CA ASN A 172 5.55 -38.45 -16.32
C ASN A 172 6.00 -36.99 -16.29
N LYS A 173 5.02 -36.09 -16.26
CA LYS A 173 5.27 -34.66 -16.13
C LYS A 173 5.10 -34.18 -14.67
N GLY A 174 4.51 -35.03 -13.82
CA GLY A 174 4.32 -34.67 -12.40
C GLY A 174 3.19 -33.69 -12.18
N LYS A 175 2.23 -33.66 -13.10
CA LYS A 175 1.08 -32.75 -13.00
C LYS A 175 0.07 -33.15 -14.05
N GLU A 176 -1.11 -32.54 -13.99
CA GLU A 176 -2.17 -32.83 -14.96
C GLU A 176 -1.67 -32.45 -16.35
N VAL A 177 -2.09 -33.22 -17.33
CA VAL A 177 -1.80 -32.94 -18.71
C VAL A 177 -3.13 -32.83 -19.38
N LEU A 178 -3.32 -31.73 -20.09
CA LEU A 178 -4.54 -31.50 -20.84
C LEU A 178 -4.27 -32.06 -22.22
N VAL A 179 -5.11 -33.00 -22.64
CA VAL A 179 -4.98 -33.63 -23.91
C VAL A 179 -6.23 -33.37 -24.74
N LEU A 180 -5.99 -32.83 -25.94
CA LEU A 180 -7.02 -32.48 -26.91
C LEU A 180 -6.91 -33.35 -28.17
N TRP A 181 -8.04 -33.84 -28.65
CA TRP A 181 -8.09 -34.50 -29.94
C TRP A 181 -9.36 -34.09 -30.63
N GLY A 182 -9.53 -34.54 -31.87
CA GLY A 182 -10.78 -34.32 -32.58
C GLY A 182 -11.23 -35.63 -33.19
N VAL A 183 -12.50 -35.68 -33.59
CA VAL A 183 -12.98 -36.80 -34.37
C VAL A 183 -13.77 -36.24 -35.54
N HIS A 184 -13.39 -36.68 -36.75
CA HIS A 184 -13.89 -36.13 -38.01
C HIS A 184 -15.10 -36.92 -38.52
N HIS A 185 -16.15 -36.19 -38.89
CA HIS A 185 -17.39 -36.78 -39.38
C HIS A 185 -17.65 -36.34 -40.85
N PRO A 186 -16.99 -37.00 -41.84
CA PRO A 186 -17.10 -36.53 -43.24
C PRO A 186 -18.54 -36.52 -43.76
N PRO A 187 -18.79 -35.78 -44.87
CA PRO A 187 -20.11 -35.83 -45.51
C PRO A 187 -20.18 -37.03 -46.48
N THR A 188 -21.32 -37.21 -47.18
CA THR A 188 -21.44 -38.26 -48.21
C THR A 188 -20.05 -38.78 -48.62
N GLY A 189 -19.61 -39.86 -47.97
CA GLY A 189 -18.22 -40.36 -48.11
C GLY A 189 -18.14 -41.85 -48.39
N THR A 190 -17.45 -42.30 -49.45
CA THR A 190 -16.65 -41.52 -50.44
C THR A 190 -15.37 -40.89 -49.82
N ASP A 191 -15.46 -39.63 -49.42
CA ASP A 191 -14.42 -39.00 -48.59
C ASP A 191 -13.90 -39.93 -47.50
N GLN A 192 -14.82 -40.60 -46.79
CA GLN A 192 -14.45 -41.53 -45.73
C GLN A 192 -13.33 -42.44 -46.21
N GLN A 193 -13.55 -43.07 -47.37
CA GLN A 193 -12.56 -43.96 -48.01
C GLN A 193 -11.34 -43.16 -48.46
N SER A 194 -11.59 -42.06 -49.18
CA SER A 194 -10.53 -41.19 -49.69
C SER A 194 -9.54 -40.69 -48.61
N LEU A 195 -9.99 -40.59 -47.36
CA LEU A 195 -9.11 -40.15 -46.27
C LEU A 195 -8.65 -41.33 -45.39
N TYR A 196 -9.57 -42.25 -45.08
CA TYR A 196 -9.33 -43.28 -44.06
C TYR A 196 -9.25 -44.71 -44.57
N GLN A 197 -9.57 -44.93 -45.85
CA GLN A 197 -9.40 -46.23 -46.51
C GLN A 197 -10.26 -47.40 -45.96
N ASN A 198 -11.05 -47.10 -44.92
CA ASN A 198 -11.90 -48.08 -44.23
C ASN A 198 -13.26 -47.41 -43.93
N ALA A 199 -14.36 -48.07 -44.26
CA ALA A 199 -15.71 -47.44 -44.21
C ALA A 199 -16.48 -47.68 -42.90
N ASP A 200 -16.23 -48.80 -42.22
CA ASP A 200 -16.86 -49.09 -40.93
C ASP A 200 -15.82 -48.93 -39.83
N ALA A 201 -15.42 -47.67 -39.59
CA ALA A 201 -14.32 -47.33 -38.68
C ALA A 201 -14.81 -46.84 -37.31
N TYR A 202 -13.85 -46.62 -36.41
CA TYR A 202 -14.13 -46.12 -35.06
C TYR A 202 -12.92 -45.42 -34.44
N VAL A 203 -13.18 -44.58 -33.44
CA VAL A 203 -12.13 -44.08 -32.55
C VAL A 203 -12.50 -44.46 -31.13
N SER A 204 -11.49 -44.80 -30.34
CA SER A 204 -11.68 -45.10 -28.93
C SER A 204 -10.54 -44.45 -28.16
N VAL A 205 -10.89 -43.79 -27.06
CA VAL A 205 -9.95 -43.11 -26.20
C VAL A 205 -10.20 -43.60 -24.78
N GLY A 206 -9.16 -44.07 -24.11
CA GLY A 206 -9.31 -44.68 -22.80
C GLY A 206 -8.28 -44.20 -21.81
N SER A 207 -8.73 -44.03 -20.58
CA SER A 207 -7.87 -43.95 -19.40
C SER A 207 -8.78 -44.31 -18.22
N SER A 208 -8.27 -44.20 -16.99
CA SER A 208 -9.06 -44.53 -15.79
C SER A 208 -10.19 -43.51 -15.56
N LYS A 209 -9.93 -42.27 -15.93
CA LYS A 209 -10.81 -41.14 -15.63
C LYS A 209 -11.86 -40.97 -16.72
N TYR A 210 -11.60 -41.59 -17.88
CA TYR A 210 -12.31 -41.27 -19.11
C TYR A 210 -12.29 -42.47 -20.05
N ASN A 211 -13.42 -42.76 -20.68
CA ASN A 211 -13.54 -43.89 -21.62
C ASN A 211 -14.75 -43.67 -22.54
N ARG A 212 -14.48 -43.59 -23.84
CA ARG A 212 -15.52 -43.29 -24.82
C ARG A 212 -15.11 -43.80 -26.19
N ARG A 213 -16.07 -44.35 -26.94
CA ARG A 213 -15.87 -44.74 -28.33
C ARG A 213 -16.61 -43.75 -29.22
N PHE A 214 -16.13 -43.57 -30.44
CA PHE A 214 -16.78 -42.68 -31.41
C PHE A 214 -16.96 -43.37 -32.77
N THR A 215 -18.20 -43.42 -33.25
CA THR A 215 -18.49 -43.92 -34.59
C THR A 215 -18.69 -42.73 -35.53
N PRO A 216 -18.04 -42.74 -36.71
CA PRO A 216 -18.24 -41.60 -37.61
C PRO A 216 -19.70 -41.48 -38.01
N GLU A 217 -20.21 -40.25 -38.05
CA GLU A 217 -21.57 -40.02 -38.53
C GLU A 217 -21.46 -39.35 -39.88
N ILE A 218 -21.43 -40.17 -40.92
CA ILE A 218 -21.19 -39.70 -42.27
C ILE A 218 -22.53 -39.20 -42.81
N ALA A 219 -22.62 -37.89 -43.09
CA ALA A 219 -23.90 -37.32 -43.51
C ALA A 219 -23.82 -35.94 -44.17
N ALA A 220 -24.88 -35.63 -44.92
CA ALA A 220 -25.05 -34.32 -45.57
C ALA A 220 -25.34 -33.21 -44.57
N ARG A 221 -24.40 -32.26 -44.46
CA ARG A 221 -24.53 -31.15 -43.51
C ARG A 221 -24.20 -29.83 -44.23
N PRO A 222 -24.98 -28.76 -43.97
CA PRO A 222 -24.74 -27.44 -44.56
C PRO A 222 -23.27 -27.01 -44.64
N LYS A 223 -22.92 -26.22 -45.65
CA LYS A 223 -21.59 -25.66 -45.75
C LYS A 223 -21.39 -24.67 -44.59
N VAL A 224 -20.20 -24.67 -43.98
CA VAL A 224 -19.90 -23.71 -42.92
C VAL A 224 -18.83 -22.73 -43.38
N ARG A 225 -17.64 -23.23 -43.71
CA ARG A 225 -16.61 -22.37 -44.30
C ARG A 225 -16.09 -23.00 -45.61
N ASP A 226 -17.07 -23.38 -46.44
CA ASP A 226 -16.86 -24.19 -47.65
C ASP A 226 -16.83 -25.70 -47.35
N GLN A 227 -16.95 -26.07 -46.08
CA GLN A 227 -16.87 -27.48 -45.64
C GLN A 227 -18.26 -27.97 -45.20
N ALA A 228 -18.65 -29.15 -45.70
CA ALA A 228 -19.92 -29.81 -45.36
C ALA A 228 -19.70 -30.94 -44.35
N GLY A 229 -18.43 -31.32 -44.17
CA GLY A 229 -18.06 -32.23 -43.11
C GLY A 229 -17.98 -31.43 -41.82
N ARG A 230 -18.00 -32.14 -40.68
CA ARG A 230 -17.88 -31.49 -39.38
C ARG A 230 -16.84 -32.20 -38.56
N MET A 231 -16.31 -31.50 -37.57
CA MET A 231 -15.25 -32.04 -36.73
C MET A 231 -15.53 -31.73 -35.25
N ASN A 232 -15.57 -32.75 -34.42
CA ASN A 232 -15.85 -32.56 -33.01
C ASN A 232 -14.57 -32.59 -32.22
N TYR A 233 -14.46 -31.65 -31.29
CA TYR A 233 -13.23 -31.48 -30.50
C TYR A 233 -13.49 -31.95 -29.07
N TYR A 234 -12.48 -32.54 -28.46
CA TYR A 234 -12.62 -33.24 -27.21
C TYR A 234 -11.38 -32.97 -26.42
N TRP A 235 -11.49 -33.01 -25.09
CA TRP A 235 -10.33 -32.79 -24.19
C TRP A 235 -10.47 -33.72 -22.99
N THR A 236 -9.38 -34.00 -22.32
CA THR A 236 -9.45 -34.62 -21.00
C THR A 236 -8.21 -34.26 -20.25
N LEU A 237 -8.30 -34.36 -18.92
CA LEU A 237 -7.18 -34.02 -18.03
C LEU A 237 -6.58 -35.31 -17.50
N LEU A 238 -5.45 -35.71 -18.09
CA LEU A 238 -4.75 -36.95 -17.69
C LEU A 238 -4.02 -36.78 -16.37
N GLU A 239 -4.32 -37.64 -15.41
CA GLU A 239 -3.82 -37.46 -14.06
C GLU A 239 -2.32 -37.85 -13.98
N PRO A 240 -1.58 -37.31 -12.99
CA PRO A 240 -0.17 -37.69 -12.90
C PRO A 240 0.05 -39.20 -12.69
N GLY A 241 0.79 -39.82 -13.61
CA GLY A 241 1.12 -41.25 -13.52
C GLY A 241 0.21 -42.14 -14.35
N ASP A 242 -0.95 -41.61 -14.74
CA ASP A 242 -1.94 -42.37 -15.51
C ASP A 242 -1.59 -42.43 -17.00
N THR A 243 -2.28 -43.30 -17.72
CA THR A 243 -2.01 -43.59 -19.12
C THR A 243 -3.25 -43.35 -19.98
N ILE A 244 -3.08 -42.59 -21.06
CA ILE A 244 -4.15 -42.42 -22.04
C ILE A 244 -3.79 -43.19 -23.31
N THR A 245 -4.80 -43.81 -23.91
CA THR A 245 -4.64 -44.74 -25.03
C THR A 245 -5.62 -44.41 -26.16
N PHE A 246 -5.10 -44.05 -27.32
CA PHE A 246 -5.93 -43.85 -28.49
C PHE A 246 -5.93 -45.10 -29.39
N GLU A 247 -7.11 -45.54 -29.79
CA GLU A 247 -7.26 -46.63 -30.72
C GLU A 247 -8.24 -46.22 -31.80
N ALA A 248 -7.89 -46.45 -33.07
CA ALA A 248 -8.80 -46.13 -34.18
C ALA A 248 -8.44 -46.81 -35.53
N THR A 249 -9.41 -46.81 -36.44
CA THR A 249 -9.27 -47.30 -37.80
C THR A 249 -9.62 -46.21 -38.83
N GLY A 250 -9.61 -44.94 -38.39
CA GLY A 250 -9.96 -43.80 -39.24
C GLY A 250 -10.49 -42.62 -38.43
N ASN A 251 -10.76 -41.51 -39.09
CA ASN A 251 -11.48 -40.36 -38.52
C ASN A 251 -10.90 -39.75 -37.21
N LEU A 252 -9.65 -40.04 -36.90
CA LEU A 252 -8.98 -39.49 -35.73
C LEU A 252 -8.21 -38.24 -36.12
N ILE A 253 -8.52 -37.12 -35.46
CA ILE A 253 -7.66 -35.95 -35.49
C ILE A 253 -6.91 -36.06 -34.17
N ALA A 254 -5.63 -36.43 -34.27
CA ALA A 254 -4.86 -36.88 -33.12
C ALA A 254 -4.11 -35.78 -32.39
N PRO A 255 -3.88 -35.97 -31.09
CA PRO A 255 -3.02 -35.04 -30.39
C PRO A 255 -1.61 -35.02 -30.98
N TRP A 256 -1.07 -33.83 -31.20
CA TRP A 256 0.33 -33.65 -31.56
C TRP A 256 1.06 -32.97 -30.41
N TYR A 257 0.46 -31.91 -29.88
CA TYR A 257 0.95 -31.23 -28.70
C TYR A 257 -0.13 -31.24 -27.59
N ALA A 258 0.33 -31.18 -26.35
CA ALA A 258 -0.51 -31.26 -25.18
C ALA A 258 0.15 -30.36 -24.19
N PHE A 259 -0.50 -30.13 -23.07
CA PHE A 259 -0.13 -29.07 -22.16
C PHE A 259 -0.08 -29.61 -20.75
N ALA A 260 1.00 -29.29 -20.06
CA ALA A 260 1.23 -29.79 -18.72
C ALA A 260 0.94 -28.61 -17.82
N LEU A 261 0.00 -28.77 -16.89
CA LEU A 261 -0.67 -27.61 -16.31
C LEU A 261 -0.18 -27.26 -14.92
N ASN A 262 0.10 -25.97 -14.72
CA ASN A 262 0.33 -25.46 -13.38
C ASN A 262 -0.89 -24.73 -12.85
N ARG A 263 -1.45 -25.25 -11.77
CA ARG A 263 -2.61 -24.65 -11.13
C ARG A 263 -2.17 -23.48 -10.31
N GLY A 264 -3.05 -22.48 -10.23
CA GLY A 264 -2.88 -21.36 -9.31
C GLY A 264 -4.21 -20.65 -9.05
N SER A 265 -4.45 -20.29 -7.79
CA SER A 265 -5.58 -19.43 -7.43
C SER A 265 -5.33 -18.00 -7.90
N GLY A 266 -6.38 -17.20 -7.86
CA GLY A 266 -6.26 -15.79 -8.21
C GLY A 266 -6.23 -15.44 -9.69
N SER A 267 -6.50 -16.42 -10.57
CA SER A 267 -6.39 -16.24 -12.04
C SER A 267 -7.76 -16.41 -12.65
N GLY A 268 -7.90 -16.20 -13.94
CA GLY A 268 -9.21 -16.26 -14.56
C GLY A 268 -9.24 -15.70 -15.97
N ILE A 269 -10.39 -15.82 -16.61
CA ILE A 269 -10.61 -15.40 -17.97
C ILE A 269 -11.54 -14.17 -17.96
N ILE A 270 -11.15 -13.09 -18.64
CA ILE A 270 -12.04 -11.95 -18.73
C ILE A 270 -12.22 -11.49 -20.16
N THR A 271 -13.35 -10.83 -20.42
CA THR A 271 -13.58 -10.17 -21.69
C THR A 271 -13.40 -8.66 -21.54
N SER A 272 -12.43 -8.11 -22.26
CA SER A 272 -12.16 -6.70 -22.20
C SER A 272 -11.57 -6.23 -23.49
N ASP A 273 -11.96 -5.03 -23.93
CA ASP A 273 -11.33 -4.38 -25.07
C ASP A 273 -10.34 -3.29 -24.61
N ALA A 274 -10.13 -3.13 -23.32
CA ALA A 274 -9.14 -2.15 -22.86
C ALA A 274 -7.74 -2.58 -23.32
N PRO A 275 -6.84 -1.61 -23.43
CA PRO A 275 -5.52 -1.96 -23.93
C PRO A 275 -4.58 -2.42 -22.82
N VAL A 276 -3.72 -3.39 -23.14
CA VAL A 276 -2.68 -3.84 -22.23
C VAL A 276 -1.55 -2.84 -22.27
N HIS A 277 -0.94 -2.59 -21.11
CA HIS A 277 0.14 -1.64 -20.99
C HIS A 277 1.11 -2.19 -19.96
N ASP A 278 2.30 -1.63 -19.88
CA ASP A 278 3.26 -2.08 -18.90
C ASP A 278 3.04 -1.25 -17.62
N CYS A 279 1.99 -1.62 -16.92
CA CYS A 279 1.66 -1.06 -15.62
C CYS A 279 1.54 -2.25 -14.66
N ASN A 280 1.64 -1.98 -13.37
CA ASN A 280 1.38 -2.99 -12.39
C ASN A 280 0.20 -2.59 -11.48
N THR A 281 -0.60 -3.58 -11.12
CA THR A 281 -1.74 -3.32 -10.25
C THR A 281 -1.89 -4.50 -9.32
N LYS A 282 -2.53 -4.29 -8.18
CA LYS A 282 -3.05 -5.43 -7.37
C LYS A 282 -4.50 -5.82 -7.69
N CYS A 283 -5.20 -4.98 -8.46
CA CYS A 283 -6.62 -5.18 -8.77
C CYS A 283 -6.92 -4.84 -10.18
N GLN A 284 -7.44 -5.81 -10.93
CA GLN A 284 -7.72 -5.60 -12.35
C GLN A 284 -9.19 -5.86 -12.62
N THR A 285 -9.87 -4.93 -13.32
CA THR A 285 -11.23 -5.15 -13.86
C THR A 285 -11.20 -5.09 -15.37
N PRO A 286 -12.30 -5.54 -16.03
CA PRO A 286 -12.29 -5.46 -17.47
C PRO A 286 -12.33 -4.05 -18.05
N HIS A 287 -12.76 -3.07 -17.27
CA HIS A 287 -12.67 -1.67 -17.72
C HIS A 287 -11.27 -1.08 -17.49
N GLY A 288 -10.50 -1.63 -16.55
CA GLY A 288 -9.23 -1.06 -16.19
C GLY A 288 -8.83 -1.41 -14.78
N ALA A 289 -7.62 -0.97 -14.41
CA ALA A 289 -6.97 -1.36 -13.16
C ALA A 289 -7.32 -0.40 -12.09
N ILE A 290 -7.50 -0.92 -10.88
CA ILE A 290 -7.75 -0.11 -9.69
C ILE A 290 -6.51 -0.04 -8.76
N ASN A 291 -6.19 1.15 -8.31
CA ASN A 291 -5.13 1.43 -7.38
C ASN A 291 -5.79 2.13 -6.19
N SER A 292 -6.15 1.38 -5.18
CA SER A 292 -7.03 1.94 -4.13
C SER A 292 -6.97 1.08 -2.90
N SER A 293 -7.24 1.68 -1.76
CA SER A 293 -7.33 1.00 -0.49
C SER A 293 -8.72 1.17 0.10
N LEU A 294 -9.64 1.69 -0.68
CA LEU A 294 -11.02 1.86 -0.23
C LEU A 294 -11.69 0.48 -0.14
N PRO A 295 -12.69 0.36 0.69
CA PRO A 295 -13.33 -0.94 0.91
C PRO A 295 -14.39 -1.34 -0.14
N PHE A 296 -14.93 -0.38 -0.88
CA PHE A 296 -15.90 -0.59 -1.95
C PHE A 296 -15.51 0.01 -3.31
N GLN A 297 -16.07 -0.53 -4.40
CA GLN A 297 -15.89 0.04 -5.74
C GLN A 297 -17.16 -0.18 -6.55
N ASN A 298 -17.44 0.69 -7.52
CA ASN A 298 -18.59 0.52 -8.39
C ASN A 298 -18.18 0.43 -9.85
N ILE A 299 -16.95 -0.02 -10.09
CA ILE A 299 -16.42 -0.06 -11.44
C ILE A 299 -16.87 -1.33 -12.18
N HIS A 300 -16.79 -2.51 -11.54
CA HIS A 300 -17.10 -3.77 -12.22
C HIS A 300 -17.14 -4.94 -11.23
N PRO A 301 -18.10 -5.90 -11.44
CA PRO A 301 -18.14 -7.07 -10.56
C PRO A 301 -17.10 -8.05 -10.87
N VAL A 302 -16.52 -7.96 -12.05
CA VAL A 302 -15.48 -8.92 -12.42
C VAL A 302 -14.12 -8.34 -12.00
N THR A 303 -13.37 -9.12 -11.19
CA THR A 303 -12.10 -8.68 -10.61
C THR A 303 -11.05 -9.79 -10.59
N ILE A 304 -9.79 -9.41 -10.87
CA ILE A 304 -8.67 -10.30 -10.70
C ILE A 304 -7.79 -9.64 -9.67
N GLY A 305 -7.41 -10.38 -8.62
CA GLY A 305 -6.43 -9.89 -7.65
C GLY A 305 -7.11 -9.66 -6.33
N GLU A 306 -6.86 -8.51 -5.72
CA GLU A 306 -7.41 -8.20 -4.45
C GLU A 306 -7.98 -6.84 -4.57
N CYS A 307 -9.29 -6.76 -4.46
CA CYS A 307 -10.03 -5.60 -4.91
C CYS A 307 -10.95 -5.15 -3.84
N PRO A 308 -11.38 -3.89 -3.90
CA PRO A 308 -12.53 -3.53 -3.10
C PRO A 308 -13.79 -4.32 -3.52
N LYS A 309 -14.73 -4.39 -2.62
CA LYS A 309 -15.99 -5.09 -2.84
C LYS A 309 -16.91 -4.30 -3.79
N TYR A 310 -17.39 -4.95 -4.84
CA TYR A 310 -18.30 -4.35 -5.81
C TYR A 310 -19.68 -4.14 -5.21
N VAL A 311 -20.21 -2.93 -5.34
CA VAL A 311 -21.56 -2.56 -4.95
C VAL A 311 -22.16 -1.65 -6.02
N ARG A 312 -23.49 -1.52 -6.05
CA ARG A 312 -24.15 -0.67 -7.06
C ARG A 312 -24.17 0.81 -6.69
N SER A 313 -23.78 1.12 -5.49
CA SER A 313 -23.85 2.47 -4.96
C SER A 313 -23.12 3.51 -5.83
N THR A 314 -23.65 4.70 -5.91
CA THR A 314 -22.94 5.78 -6.58
C THR A 314 -22.33 6.73 -5.55
N LYS A 315 -22.74 6.64 -4.28
CA LYS A 315 -22.21 7.48 -3.18
C LYS A 315 -22.20 6.74 -1.86
N LEU A 316 -21.05 6.75 -1.19
CA LEU A 316 -20.94 6.20 0.16
C LEU A 316 -19.94 7.05 0.92
N ARG A 317 -20.41 8.14 1.52
CA ARG A 317 -19.52 9.05 2.27
C ARG A 317 -19.90 8.93 3.75
N MET A 318 -18.91 8.64 4.57
CA MET A 318 -19.05 8.44 5.98
C MET A 318 -18.54 9.67 6.74
N ALA A 319 -19.36 10.21 7.60
CA ALA A 319 -18.95 11.34 8.43
C ALA A 319 -17.88 10.93 9.43
N THR A 320 -16.92 11.80 9.63
CA THR A 320 -15.98 11.63 10.71
C THR A 320 -16.15 12.80 11.67
N GLY A 321 -16.26 13.98 11.12
CA GLY A 321 -16.47 15.22 11.86
C GLY A 321 -17.92 15.49 12.14
N LEU A 322 -18.22 16.74 12.45
CA LEU A 322 -19.50 17.10 12.95
C LEU A 322 -20.21 18.04 11.97
N ARG A 323 -21.47 18.31 12.27
CA ARG A 323 -22.25 19.20 11.49
C ARG A 323 -21.58 20.55 11.34
N ASN A 324 -21.38 20.99 10.10
CA ASN A 324 -20.63 22.24 9.82
C ASN A 324 -21.44 23.48 9.76
N ILE A 325 -21.24 24.34 10.75
CA ILE A 325 -22.03 25.54 10.87
C ILE A 325 -21.13 26.77 10.98
N PRO A 326 -20.44 27.14 9.86
CA PRO A 326 -19.50 28.27 9.88
C PRO A 326 -20.18 29.61 10.04
N SER A 327 -21.44 29.74 9.65
CA SER A 327 -22.15 31.02 9.90
C SER A 327 -23.61 30.83 10.32
N ILE A 328 -24.06 31.72 11.18
CA ILE A 328 -25.41 31.64 11.75
C ILE A 328 -26.45 32.31 10.83
N GLY B 1 -30.22 18.44 17.15
CA GLY B 1 -29.68 17.00 17.33
C GLY B 1 -30.08 16.41 18.71
N LEU B 2 -29.76 15.16 18.96
CA LEU B 2 -30.28 14.48 20.14
C LEU B 2 -29.89 15.12 21.44
N PHE B 3 -28.73 15.78 21.51
CA PHE B 3 -28.21 16.29 22.76
C PHE B 3 -28.37 17.78 22.88
N GLY B 4 -29.02 18.39 21.89
CA GLY B 4 -29.41 19.82 22.00
C GLY B 4 -28.34 20.91 21.95
N ALA B 5 -27.07 20.55 21.79
CA ALA B 5 -25.97 21.49 21.81
C ALA B 5 -25.67 22.00 20.41
N ILE B 6 -25.20 21.15 19.53
CA ILE B 6 -24.83 21.54 18.15
C ILE B 6 -26.09 21.92 17.35
N ALA B 7 -26.02 23.06 16.69
CA ALA B 7 -27.19 23.71 16.07
C ALA B 7 -28.37 23.78 17.07
N GLY B 8 -28.05 24.02 18.33
CA GLY B 8 -29.04 24.02 19.43
C GLY B 8 -28.75 25.20 20.33
N PHE B 9 -28.45 24.96 21.59
CA PHE B 9 -28.25 26.09 22.52
C PHE B 9 -26.89 26.72 22.29
N ILE B 10 -26.02 26.05 21.56
CA ILE B 10 -24.82 26.67 21.01
C ILE B 10 -25.06 26.72 19.49
N GLU B 11 -25.44 27.89 19.02
CA GLU B 11 -26.08 28.03 17.74
C GLU B 11 -25.20 27.69 16.50
N GLY B 12 -23.94 28.09 16.53
CA GLY B 12 -23.06 27.89 15.39
C GLY B 12 -21.66 27.47 15.78
N GLY B 13 -20.88 27.12 14.78
CA GLY B 13 -19.51 26.67 15.00
C GLY B 13 -18.55 27.80 14.91
N TRP B 14 -17.28 27.49 15.17
CA TRP B 14 -16.25 28.52 15.16
C TRP B 14 -15.18 28.16 14.16
N THR B 15 -15.10 28.87 13.04
CA THR B 15 -14.01 28.68 12.05
C THR B 15 -12.66 29.11 12.67
N GLY B 16 -12.71 29.93 13.70
CA GLY B 16 -11.49 30.42 14.40
C GLY B 16 -10.84 29.39 15.35
N MET B 17 -11.55 28.29 15.67
CA MET B 17 -10.94 27.27 16.55
C MET B 17 -10.43 26.13 15.68
N ILE B 18 -9.12 26.08 15.52
CA ILE B 18 -8.44 25.26 14.52
C ILE B 18 -7.86 23.96 15.09
N ASP B 19 -7.62 23.93 16.38
CA ASP B 19 -6.75 22.87 16.86
C ASP B 19 -7.52 21.56 17.26
N GLY B 20 -8.83 21.50 16.97
CA GLY B 20 -9.69 20.47 17.52
C GLY B 20 -11.18 20.63 17.25
N TRP B 21 -11.97 19.68 17.72
CA TRP B 21 -13.39 19.61 17.37
C TRP B 21 -14.22 20.40 18.35
N TYR B 22 -13.76 20.45 19.60
CA TYR B 22 -14.46 21.11 20.70
C TYR B 22 -13.47 21.93 21.49
N GLY B 23 -13.95 23.01 22.05
CA GLY B 23 -13.07 23.81 22.81
C GLY B 23 -13.69 25.04 23.38
N TYR B 24 -12.85 26.05 23.53
CA TYR B 24 -13.15 27.29 24.30
C TYR B 24 -12.91 28.56 23.49
N HIS B 25 -13.69 29.59 23.80
CA HIS B 25 -13.35 30.99 23.50
C HIS B 25 -13.40 31.81 24.81
N HIS B 26 -12.47 32.74 24.99
CA HIS B 26 -12.49 33.61 26.15
C HIS B 26 -12.27 35.06 25.78
N GLN B 27 -12.68 35.93 26.71
CA GLN B 27 -12.38 37.34 26.68
C GLN B 27 -12.09 37.84 28.11
N ASN B 28 -10.91 38.42 28.31
CA ASN B 28 -10.61 39.12 29.55
C ASN B 28 -9.76 40.35 29.19
N GLU B 29 -9.33 41.11 30.18
CA GLU B 29 -8.58 42.34 29.97
C GLU B 29 -7.35 42.14 29.06
N GLN B 30 -6.72 40.98 29.13
CA GLN B 30 -5.55 40.69 28.36
C GLN B 30 -5.90 40.45 26.89
N GLY B 31 -7.15 40.11 26.56
CA GLY B 31 -7.52 39.86 25.18
C GLY B 31 -8.47 38.72 25.01
N SER B 32 -8.69 38.31 23.75
CA SER B 32 -9.61 37.24 23.41
C SER B 32 -8.89 36.12 22.69
N GLY B 33 -9.51 34.97 22.57
CA GLY B 33 -8.91 33.90 21.73
C GLY B 33 -9.68 32.62 21.88
N TYR B 34 -9.30 31.63 21.06
CA TYR B 34 -9.85 30.29 21.04
C TYR B 34 -8.78 29.28 21.40
N ALA B 35 -9.19 28.15 21.97
CA ALA B 35 -8.29 27.03 22.25
C ALA B 35 -9.10 25.73 22.22
N ALA B 36 -8.58 24.76 21.52
CA ALA B 36 -9.24 23.47 21.42
C ALA B 36 -9.13 22.80 22.79
N ASP B 37 -10.09 21.97 23.10
CA ASP B 37 -9.95 21.08 24.25
C ASP B 37 -9.33 19.79 23.78
N GLN B 38 -8.15 19.51 24.22
CA GLN B 38 -7.38 18.36 23.74
C GLN B 38 -7.91 17.01 24.17
N LYS B 39 -8.34 16.90 25.42
CA LYS B 39 -8.73 15.63 25.93
C LYS B 39 -10.02 15.17 25.23
N SER B 40 -11.02 16.05 25.12
CA SER B 40 -12.28 15.69 24.48
C SER B 40 -12.10 15.45 23.00
N THR B 41 -11.22 16.22 22.36
CA THR B 41 -10.90 15.98 20.92
C THR B 41 -10.21 14.64 20.75
N GLN B 42 -9.20 14.36 21.58
CA GLN B 42 -8.50 13.08 21.51
C GLN B 42 -9.49 11.89 21.67
N ASN B 43 -10.34 11.94 22.69
CA ASN B 43 -11.30 10.85 22.95
CA ASN B 43 -11.28 10.82 22.92
C ASN B 43 -12.20 10.66 21.73
N ALA B 44 -12.62 11.78 21.15
CA ALA B 44 -13.50 11.69 19.96
C ALA B 44 -12.77 11.12 18.78
N ILE B 45 -11.52 11.56 18.59
CA ILE B 45 -10.73 11.00 17.49
C ILE B 45 -10.46 9.53 17.70
N ASP B 46 -10.16 9.08 18.95
CA ASP B 46 -10.04 7.64 19.21
C ASP B 46 -11.33 6.87 18.76
N GLY B 47 -12.51 7.37 19.14
CA GLY B 47 -13.78 6.65 18.83
C GLY B 47 -14.06 6.62 17.33
N ILE B 48 -13.90 7.76 16.70
CA ILE B 48 -14.20 7.86 15.27
C ILE B 48 -13.21 7.07 14.42
N THR B 49 -11.94 7.10 14.77
CA THR B 49 -10.98 6.28 14.04
C THR B 49 -11.29 4.83 14.24
N ASN B 50 -11.62 4.44 15.46
CA ASN B 50 -12.05 3.05 15.68
C ASN B 50 -13.28 2.68 14.86
N LYS B 51 -14.25 3.60 14.75
CA LYS B 51 -15.50 3.34 14.00
C LYS B 51 -15.19 3.09 12.56
N VAL B 52 -14.36 3.94 11.98
CA VAL B 52 -13.99 3.77 10.57
C VAL B 52 -13.18 2.46 10.34
N ASN B 53 -12.25 2.15 11.24
CA ASN B 53 -11.52 0.91 11.18
C ASN B 53 -12.44 -0.28 11.34
N SER B 54 -13.48 -0.16 12.16
CA SER B 54 -14.43 -1.36 12.29
C SER B 54 -15.22 -1.56 10.99
N VAL B 55 -15.59 -0.45 10.35
CA VAL B 55 -16.30 -0.62 9.09
C VAL B 55 -15.40 -1.34 8.12
N ILE B 56 -14.16 -0.87 8.00
CA ILE B 56 -13.18 -1.52 7.08
C ILE B 56 -12.95 -2.95 7.40
N GLU B 57 -12.85 -3.27 8.68
CA GLU B 57 -12.54 -4.65 9.02
C GLU B 57 -13.68 -5.63 8.63
N LYS B 58 -14.92 -5.20 8.79
CA LYS B 58 -16.05 -6.06 8.47
C LYS B 58 -16.25 -6.32 6.99
N MET B 59 -15.78 -5.40 6.15
CA MET B 59 -16.00 -5.45 4.71
C MET B 59 -14.76 -6.00 4.03
N ASN B 60 -14.74 -7.29 3.83
CA ASN B 60 -13.53 -7.92 3.28
CA ASN B 60 -13.56 -7.98 3.24
C ASN B 60 -13.32 -7.59 1.79
N THR B 61 -12.05 -7.54 1.38
CA THR B 61 -11.73 -7.29 -0.02
C THR B 61 -12.36 -8.45 -0.78
N GLN B 62 -12.63 -8.26 -2.07
CA GLN B 62 -13.02 -9.39 -2.90
C GLN B 62 -11.75 -9.85 -3.64
N PHE B 63 -11.60 -11.16 -3.76
CA PHE B 63 -10.50 -11.76 -4.50
C PHE B 63 -11.10 -12.11 -5.86
N THR B 64 -10.35 -12.87 -6.65
CA THR B 64 -10.70 -13.11 -8.03
C THR B 64 -12.12 -13.63 -8.20
N ALA B 65 -12.91 -12.93 -9.02
CA ALA B 65 -14.31 -13.33 -9.32
C ALA B 65 -14.59 -13.07 -10.79
N VAL B 66 -14.79 -14.13 -11.55
CA VAL B 66 -14.93 -14.06 -13.01
C VAL B 66 -16.23 -14.77 -13.43
N GLY B 67 -16.68 -14.52 -14.66
CA GLY B 67 -17.95 -15.11 -15.11
C GLY B 67 -17.79 -16.59 -15.43
N LYS B 68 -18.90 -17.21 -15.78
CA LYS B 68 -18.97 -18.63 -16.09
C LYS B 68 -19.75 -18.61 -17.35
N GLU B 69 -19.56 -19.62 -18.17
CA GLU B 69 -20.34 -19.77 -19.37
C GLU B 69 -21.20 -21.02 -19.34
N PHE B 70 -22.31 -20.94 -20.09
CA PHE B 70 -23.33 -21.95 -20.19
C PHE B 70 -23.77 -22.11 -21.65
N ASN B 71 -24.12 -23.33 -22.05
CA ASN B 71 -24.56 -23.59 -23.42
C ASN B 71 -26.06 -23.31 -23.54
N ASN B 72 -26.60 -23.43 -24.74
CA ASN B 72 -27.99 -23.10 -25.02
C ASN B 72 -29.00 -24.05 -24.37
N LEU B 73 -28.52 -25.14 -23.73
CA LEU B 73 -29.42 -26.05 -23.00
C LEU B 73 -29.15 -26.06 -21.47
N GLU B 74 -28.49 -25.00 -21.02
CA GLU B 74 -28.21 -24.82 -19.60
C GLU B 74 -28.77 -23.47 -19.10
N ARG B 75 -29.95 -23.09 -19.60
CA ARG B 75 -30.53 -21.83 -19.22
C ARG B 75 -30.96 -21.83 -17.74
N ARG B 76 -31.37 -22.97 -17.19
CA ARG B 76 -31.79 -23.02 -15.82
C ARG B 76 -30.59 -22.73 -14.89
N ILE B 77 -29.46 -23.36 -15.13
CA ILE B 77 -28.38 -23.14 -14.26
C ILE B 77 -27.75 -21.75 -14.54
N GLU B 78 -27.81 -21.28 -15.80
CA GLU B 78 -27.31 -19.96 -16.14
C GLU B 78 -28.11 -18.94 -15.32
N ASN B 79 -29.44 -19.08 -15.34
CA ASN B 79 -30.32 -18.19 -14.57
C ASN B 79 -30.10 -18.32 -13.06
N LEU B 80 -29.78 -19.52 -12.60
CA LEU B 80 -29.52 -19.72 -11.17
C LEU B 80 -28.23 -18.97 -10.77
N ASN B 81 -27.21 -19.09 -11.61
CA ASN B 81 -25.98 -18.35 -11.36
C ASN B 81 -26.30 -16.86 -11.31
N LYS B 82 -27.11 -16.40 -12.24
CA LYS B 82 -27.47 -15.01 -12.30
C LYS B 82 -28.18 -14.61 -11.02
N LYS B 83 -29.07 -15.48 -10.52
CA LYS B 83 -29.89 -15.12 -9.37
C LYS B 83 -28.98 -14.98 -8.16
N VAL B 84 -27.97 -15.83 -8.09
CA VAL B 84 -27.03 -15.81 -7.00
C VAL B 84 -26.18 -14.54 -7.01
N ASP B 85 -25.59 -14.20 -8.18
CA ASP B 85 -24.79 -13.01 -8.32
C ASP B 85 -25.59 -11.74 -8.03
N ASP B 86 -26.79 -11.61 -8.60
CA ASP B 86 -27.66 -10.45 -8.34
C ASP B 86 -28.08 -10.31 -6.90
N GLY B 87 -28.44 -11.44 -6.29
CA GLY B 87 -28.94 -11.45 -4.92
C GLY B 87 -27.87 -11.06 -3.90
N PHE B 88 -26.64 -11.58 -4.04
CA PHE B 88 -25.57 -11.22 -3.16
C PHE B 88 -25.19 -9.74 -3.34
N LEU B 89 -25.17 -9.25 -4.57
CA LEU B 89 -24.96 -7.82 -4.89
C LEU B 89 -26.02 -6.91 -4.25
N ASP B 90 -27.30 -7.31 -4.35
CA ASP B 90 -28.40 -6.60 -3.68
C ASP B 90 -28.12 -6.51 -2.19
N ILE B 91 -27.75 -7.63 -1.61
CA ILE B 91 -27.56 -7.66 -0.18
C ILE B 91 -26.33 -6.83 0.26
N TRP B 92 -25.22 -6.93 -0.44
CA TRP B 92 -24.06 -6.16 -0.05
C TRP B 92 -24.22 -4.66 -0.32
N THR B 93 -24.94 -4.29 -1.38
CA THR B 93 -25.24 -2.86 -1.60
C THR B 93 -26.10 -2.30 -0.47
N TYR B 94 -27.13 -3.07 -0.13
CA TYR B 94 -28.03 -2.70 0.97
C TYR B 94 -27.23 -2.55 2.26
N ASN B 95 -26.35 -3.50 2.55
CA ASN B 95 -25.64 -3.52 3.86
C ASN B 95 -24.70 -2.30 3.96
N ALA B 96 -24.00 -2.01 2.89
CA ALA B 96 -23.05 -0.91 2.88
C ALA B 96 -23.79 0.43 2.99
N GLU B 97 -24.87 0.61 2.25
CA GLU B 97 -25.55 1.88 2.31
C GLU B 97 -26.18 2.11 3.65
N LEU B 98 -26.75 1.07 4.20
CA LEU B 98 -27.42 1.20 5.43
C LEU B 98 -26.46 1.39 6.58
N LEU B 99 -25.39 0.61 6.64
CA LEU B 99 -24.42 0.86 7.70
C LEU B 99 -23.90 2.35 7.68
N VAL B 100 -23.63 2.89 6.51
CA VAL B 100 -23.23 4.29 6.41
C VAL B 100 -24.28 5.25 6.93
N LEU B 101 -25.55 5.09 6.57
CA LEU B 101 -26.58 5.96 7.08
C LEU B 101 -26.68 5.87 8.59
N LEU B 102 -26.69 4.65 9.12
CA LEU B 102 -26.92 4.47 10.56
C LEU B 102 -25.72 5.08 11.35
N GLU B 103 -24.52 4.74 10.92
CA GLU B 103 -23.31 5.28 11.56
C GLU B 103 -23.17 6.77 11.41
N ASN B 104 -23.50 7.32 10.25
CA ASN B 104 -23.53 8.81 10.15
C ASN B 104 -24.47 9.46 11.17
N GLU B 105 -25.65 8.86 11.40
CA GLU B 105 -26.52 9.41 12.44
C GLU B 105 -25.81 9.38 13.77
N ARG B 106 -25.23 8.23 14.10
CA ARG B 106 -24.62 8.05 15.41
C ARG B 106 -23.42 8.98 15.55
N THR B 107 -22.69 9.21 14.45
CA THR B 107 -21.51 10.07 14.48
C THR B 107 -21.88 11.51 14.83
N LEU B 108 -22.92 12.05 14.16
CA LEU B 108 -23.31 13.44 14.47
C LEU B 108 -23.80 13.61 15.94
N ASP B 109 -24.56 12.63 16.43
CA ASP B 109 -25.00 12.60 17.85
C ASP B 109 -23.87 12.50 18.85
N PHE B 110 -22.83 11.76 18.47
CA PHE B 110 -21.67 11.54 19.38
C PHE B 110 -21.01 12.88 19.54
N HIS B 111 -20.81 13.59 18.43
CA HIS B 111 -20.23 14.93 18.50
C HIS B 111 -21.08 15.87 19.37
N ASP B 112 -22.39 15.77 19.20
CA ASP B 112 -23.37 16.63 19.89
C ASP B 112 -23.22 16.37 21.38
N SER B 113 -23.19 15.09 21.75
CA SER B 113 -23.00 14.66 23.15
C SER B 113 -21.73 15.20 23.77
N ASN B 114 -20.65 15.05 23.02
CA ASN B 114 -19.35 15.52 23.44
C ASN B 114 -19.36 17.02 23.76
N VAL B 115 -20.02 17.82 22.95
CA VAL B 115 -20.16 19.25 23.21
C VAL B 115 -20.97 19.48 24.46
N ARG B 116 -22.11 18.81 24.54
CA ARG B 116 -22.92 18.92 25.74
C ARG B 116 -22.15 18.56 26.98
N ASN B 117 -21.43 17.43 26.94
CA ASN B 117 -20.73 16.99 28.19
C ASN B 117 -19.59 18.00 28.60
N LEU B 118 -18.99 18.65 27.60
CA LEU B 118 -17.91 19.64 27.89
C LEU B 118 -18.53 20.89 28.53
N TYR B 119 -19.63 21.33 27.98
CA TYR B 119 -20.38 22.44 28.59
C TYR B 119 -20.75 22.16 30.03
N GLU B 120 -21.31 20.98 30.27
CA GLU B 120 -21.71 20.59 31.60
C GLU B 120 -20.53 20.39 32.54
N LYS B 121 -19.43 19.96 32.00
CA LYS B 121 -18.24 19.77 32.87
C LYS B 121 -17.69 21.12 33.33
N VAL B 122 -17.73 22.10 32.43
CA VAL B 122 -17.30 23.46 32.85
C VAL B 122 -18.30 24.14 33.82
N LYS B 123 -19.58 24.07 33.50
CA LYS B 123 -20.60 24.56 34.40
C LYS B 123 -20.48 24.03 35.80
N SER B 124 -20.19 22.75 35.88
CA SER B 124 -20.02 22.12 37.18
C SER B 124 -18.73 22.51 37.89
N GLN B 125 -17.70 22.95 37.16
CA GLN B 125 -16.51 23.52 37.84
C GLN B 125 -16.76 24.93 38.40
N LEU B 126 -17.43 25.76 37.62
CA LEU B 126 -17.64 27.15 37.99
C LEU B 126 -18.72 27.34 39.04
N LYS B 127 -19.73 26.51 39.05
CA LYS B 127 -20.80 26.66 40.04
C LYS B 127 -21.32 28.13 39.98
N ASN B 128 -21.52 28.77 41.11
CA ASN B 128 -22.10 30.10 41.16
C ASN B 128 -21.07 31.24 41.13
N ASN B 129 -19.84 30.94 40.67
CA ASN B 129 -18.79 31.95 40.46
C ASN B 129 -18.86 32.54 39.07
N ALA B 130 -19.85 32.10 38.30
CA ALA B 130 -20.01 32.49 36.90
C ALA B 130 -21.49 32.40 36.65
N LYS B 131 -21.99 33.14 35.70
CA LYS B 131 -23.37 33.02 35.35
C LYS B 131 -23.48 32.55 33.92
N GLU B 132 -24.53 31.78 33.64
CA GLU B 132 -24.76 31.27 32.32
C GLU B 132 -25.47 32.35 31.51
N ILE B 133 -24.93 32.75 30.37
CA ILE B 133 -25.46 33.91 29.65
C ILE B 133 -25.91 33.51 28.27
N GLY B 134 -26.08 32.20 28.08
CA GLY B 134 -26.67 31.69 26.88
C GLY B 134 -25.57 31.40 25.85
N ASN B 135 -25.95 30.62 24.87
CA ASN B 135 -25.12 30.29 23.71
C ASN B 135 -23.77 29.66 24.10
N GLY B 136 -23.76 28.94 25.20
CA GLY B 136 -22.61 28.20 25.63
C GLY B 136 -21.60 29.02 26.37
N CYS B 137 -21.96 30.24 26.78
CA CYS B 137 -21.01 31.15 27.45
C CYS B 137 -21.31 31.38 28.91
N PHE B 138 -20.25 31.64 29.67
CA PHE B 138 -20.29 31.97 31.06
C PHE B 138 -19.58 33.30 31.25
N GLU B 139 -20.17 34.17 32.06
CA GLU B 139 -19.57 35.38 32.57
C GLU B 139 -19.18 35.16 34.00
N PHE B 140 -17.89 35.28 34.27
CA PHE B 140 -17.36 35.13 35.61
C PHE B 140 -17.84 36.27 36.52
N TYR B 141 -18.07 35.93 37.78
CA TYR B 141 -18.36 36.94 38.79
C TYR B 141 -17.11 37.50 39.46
N HIS B 142 -15.96 37.30 38.82
CA HIS B 142 -14.67 37.74 39.34
C HIS B 142 -13.69 37.94 38.18
N LYS B 143 -12.57 38.60 38.47
CA LYS B 143 -11.56 38.76 37.47
C LYS B 143 -10.96 37.40 37.18
N CYS B 144 -10.89 37.04 35.90
CA CYS B 144 -10.34 35.75 35.46
C CYS B 144 -9.27 35.96 34.39
N ASP B 145 -7.99 36.00 34.78
CA ASP B 145 -6.89 36.28 33.85
C ASP B 145 -6.47 35.02 33.14
N ASP B 146 -5.44 35.08 32.30
CA ASP B 146 -5.13 33.90 31.46
C ASP B 146 -4.81 32.64 32.26
N ALA B 147 -4.13 32.81 33.39
CA ALA B 147 -3.85 31.68 34.28
C ALA B 147 -5.17 31.12 34.79
N CYS B 148 -6.12 31.98 35.07
CA CYS B 148 -7.42 31.51 35.54
C CYS B 148 -8.16 30.80 34.43
N MET B 149 -8.18 31.39 33.24
CA MET B 149 -8.81 30.75 32.07
C MET B 149 -8.22 29.36 31.83
N GLU B 150 -6.91 29.25 31.92
CA GLU B 150 -6.28 27.97 31.67
C GLU B 150 -6.70 26.92 32.72
N SER B 151 -6.91 27.37 33.96
CA SER B 151 -7.36 26.44 35.00
C SER B 151 -8.76 25.86 34.67
N VAL B 152 -9.63 26.68 34.11
CA VAL B 152 -10.90 26.18 33.67
C VAL B 152 -10.70 25.15 32.56
N ARG B 153 -9.89 25.53 31.56
CA ARG B 153 -9.69 24.63 30.44
C ARG B 153 -9.05 23.34 30.82
N ASN B 154 -8.25 23.31 31.87
CA ASN B 154 -7.61 22.05 32.21
C ASN B 154 -8.20 21.29 33.35
N GLY B 155 -9.32 21.76 33.87
CA GLY B 155 -10.08 21.02 34.87
C GLY B 155 -9.61 21.18 36.30
N THR B 156 -8.89 22.26 36.58
CA THR B 156 -8.36 22.48 37.91
C THR B 156 -8.78 23.85 38.40
N TYR B 157 -9.90 24.40 37.90
CA TYR B 157 -10.39 25.66 38.45
C TYR B 157 -10.59 25.58 39.97
N ASP B 158 -10.24 26.66 40.64
CA ASP B 158 -10.27 26.78 42.08
C ASP B 158 -11.47 27.61 42.56
N TYR B 159 -12.62 26.95 42.72
CA TYR B 159 -13.81 27.66 43.16
C TYR B 159 -13.59 28.49 44.45
N PRO B 160 -13.02 27.89 45.51
CA PRO B 160 -12.87 28.63 46.77
C PRO B 160 -12.00 29.89 46.65
N LYS B 161 -10.99 29.85 45.80
CA LYS B 161 -10.12 30.99 45.58
C LYS B 161 -10.88 32.23 45.15
N TYR B 162 -11.99 32.07 44.43
CA TYR B 162 -12.62 33.22 43.79
C TYR B 162 -14.00 33.42 44.35
N SER B 163 -14.34 32.68 45.40
CA SER B 163 -15.75 32.59 45.88
C SER B 163 -16.23 33.82 46.58
N GLU B 164 -15.34 34.43 47.39
CA GLU B 164 -15.68 35.65 48.06
C GLU B 164 -15.85 36.80 47.07
N GLU B 165 -14.86 37.01 46.21
CA GLU B 165 -14.96 38.13 45.23
C GLU B 165 -16.19 37.90 44.36
N SER B 166 -16.45 36.66 43.96
CA SER B 166 -17.67 36.32 43.18
C SER B 166 -18.95 36.69 43.92
N LYS B 167 -18.99 36.28 45.19
CA LYS B 167 -20.17 36.48 46.03
C LYS B 167 -20.48 37.95 46.19
N LEU B 168 -19.46 38.76 46.43
CA LEU B 168 -19.69 40.21 46.58
C LEU B 168 -20.26 40.79 45.30
N ASN B 169 -19.75 40.32 44.15
CA ASN B 169 -20.29 40.81 42.87
C ASN B 169 -21.70 40.31 42.60
N ARG B 170 -21.89 39.00 42.73
CA ARG B 170 -23.21 38.39 42.63
C ARG B 170 -24.23 39.04 43.63
N GLU B 171 -23.81 39.45 44.82
CA GLU B 171 -24.76 40.00 45.79
C GLU B 171 -25.01 41.49 45.61
N GLU B 172 -24.21 42.15 44.77
CA GLU B 172 -24.39 43.58 44.44
C GLU B 172 -25.67 43.82 43.62
N ILE B 173 -25.93 42.92 42.68
CA ILE B 173 -27.16 42.94 41.87
C ILE B 173 -28.33 42.42 42.68
N GLU C 1 2.75 -3.18 20.12
CA GLU C 1 2.81 -1.74 19.75
C GLU C 1 2.94 -1.55 18.24
N VAL C 2 2.64 -0.33 17.81
CA VAL C 2 2.72 0.04 16.43
C VAL C 2 4.12 -0.19 15.85
N GLN C 3 4.19 -0.67 14.63
CA GLN C 3 5.44 -0.69 13.89
C GLN C 3 5.31 0.23 12.66
N LEU C 4 6.38 0.93 12.36
CA LEU C 4 6.40 1.96 11.34
C LEU C 4 7.43 1.49 10.33
N VAL C 5 7.01 1.28 9.08
CA VAL C 5 7.94 0.71 8.10
C VAL C 5 8.09 1.73 6.98
N GLU C 6 9.34 2.09 6.71
CA GLU C 6 9.64 3.09 5.69
C GLU C 6 10.08 2.50 4.38
N SER C 7 9.88 3.24 3.29
CA SER C 7 10.34 2.80 1.98
C SER C 7 11.88 2.81 1.86
N GLY C 8 12.36 2.29 0.74
CA GLY C 8 13.79 1.94 0.58
C GLY C 8 14.67 3.13 0.30
N ALA C 9 15.97 2.89 0.35
CA ALA C 9 17.00 3.92 0.14
C ALA C 9 16.83 4.68 -1.18
N GLU C 10 17.21 5.96 -1.21
CA GLU C 10 17.09 6.75 -2.42
C GLU C 10 18.40 7.48 -2.73
N VAL C 11 18.69 7.59 -4.04
CA VAL C 11 19.83 8.38 -4.49
C VAL C 11 19.30 9.41 -5.50
N LYS C 12 19.58 10.68 -5.28
CA LYS C 12 18.98 11.74 -6.09
C LYS C 12 20.01 12.77 -6.43
N LYS C 13 19.74 13.55 -7.48
CA LYS C 13 20.61 14.67 -7.90
C LYS C 13 20.21 15.97 -7.25
N PRO C 14 21.17 16.87 -7.07
CA PRO C 14 20.77 18.19 -6.59
C PRO C 14 19.66 18.80 -7.47
N GLY C 15 18.69 19.48 -6.88
CA GLY C 15 17.59 20.11 -7.65
C GLY C 15 16.37 19.23 -7.87
N SER C 16 16.51 17.93 -7.65
CA SER C 16 15.41 17.02 -7.80
C SER C 16 14.61 16.93 -6.46
N SER C 17 13.67 15.98 -6.42
CA SER C 17 12.76 15.72 -5.32
C SER C 17 12.84 14.27 -4.93
N VAL C 18 12.50 14.00 -3.69
CA VAL C 18 12.40 12.65 -3.20
C VAL C 18 11.10 12.55 -2.41
N LYS C 19 10.42 11.41 -2.54
CA LYS C 19 9.23 11.10 -1.75
C LYS C 19 9.40 9.79 -0.95
N VAL C 20 9.37 9.86 0.37
CA VAL C 20 9.56 8.71 1.22
C VAL C 20 8.21 8.36 1.85
N SER C 21 7.94 7.07 2.05
CA SER C 21 6.70 6.63 2.69
C SER C 21 6.97 5.93 4.00
N CYS C 22 5.96 5.94 4.87
CA CYS C 22 5.97 5.32 6.16
C CYS C 22 4.60 4.61 6.29
N LYS C 23 4.57 3.29 6.42
CA LYS C 23 3.32 2.57 6.64
C LYS C 23 3.22 2.16 8.11
N ALA C 24 2.18 2.59 8.80
CA ALA C 24 1.95 2.21 10.21
C ALA C 24 1.13 0.89 10.26
N SER C 25 1.51 -0.06 11.09
CA SER C 25 0.72 -1.28 11.26
C SER C 25 -0.58 -1.04 12.00
N GLY C 26 -1.52 -1.96 11.85
CA GLY C 26 -2.81 -1.88 12.58
C GLY C 26 -3.71 -0.91 11.82
N GLY C 27 -4.65 -0.28 12.50
CA GLY C 27 -5.38 0.77 11.83
C GLY C 27 -6.33 0.20 10.78
N PRO C 28 -6.35 0.79 9.57
CA PRO C 28 -5.39 1.74 9.07
C PRO C 28 -5.56 3.18 9.54
N PHE C 29 -6.75 3.67 9.94
CA PHE C 29 -6.84 5.00 10.50
C PHE C 29 -6.21 5.02 11.90
N ARG C 30 -5.67 6.20 12.23
CA ARG C 30 -4.75 6.40 13.37
C ARG C 30 -5.33 7.50 14.19
N SER C 31 -5.24 7.39 15.51
CA SER C 31 -5.68 8.50 16.39
C SER C 31 -4.54 9.41 16.83
N TYR C 32 -3.36 9.20 16.28
CA TYR C 32 -2.15 9.93 16.69
C TYR C 32 -1.50 10.55 15.44
N ALA C 33 -0.79 11.63 15.66
CA ALA C 33 -0.03 12.29 14.62
C ALA C 33 1.29 11.57 14.35
N ILE C 34 1.86 11.87 13.18
CA ILE C 34 3.12 11.30 12.78
C ILE C 34 3.97 12.44 12.18
N SER C 35 5.26 12.47 12.57
CA SER C 35 6.23 13.43 12.10
C SER C 35 7.33 12.71 11.31
N TRP C 36 8.08 13.53 10.56
CA TRP C 36 9.35 13.18 9.94
C TRP C 36 10.48 13.96 10.59
N VAL C 37 11.54 13.20 10.87
CA VAL C 37 12.67 13.69 11.57
C VAL C 37 13.84 13.12 10.77
N ARG C 38 14.84 13.95 10.51
CA ARG C 38 16.03 13.48 9.80
C ARG C 38 17.31 13.74 10.58
N GLN C 39 18.36 13.03 10.18
CA GLN C 39 19.62 13.09 10.85
C GLN C 39 20.75 12.92 9.86
N ALA C 40 21.47 14.00 9.60
CA ALA C 40 22.65 13.97 8.74
C ALA C 40 23.82 13.34 9.54
N PRO C 41 24.77 12.72 8.85
CA PRO C 41 25.88 12.13 9.64
C PRO C 41 26.80 13.26 10.12
N GLY C 42 27.43 13.22 11.28
CA GLY C 42 27.03 12.55 12.48
C GLY C 42 26.60 13.80 13.25
N GLN C 43 25.33 14.20 13.01
CA GLN C 43 24.74 15.41 13.55
C GLN C 43 23.52 14.99 14.33
N GLY C 44 22.90 15.92 15.04
CA GLY C 44 21.69 15.60 15.77
C GLY C 44 20.45 15.50 14.90
N PRO C 45 19.34 14.95 15.45
CA PRO C 45 18.14 14.92 14.67
C PRO C 45 17.54 16.32 14.47
N GLU C 46 16.78 16.49 13.38
CA GLU C 46 16.08 17.74 13.11
C GLU C 46 14.69 17.38 12.69
N TRP C 47 13.75 17.97 13.38
CA TRP C 47 12.35 17.75 13.10
C TRP C 47 12.01 18.49 11.82
N MET C 48 11.44 17.78 10.86
CA MET C 48 11.04 18.38 9.59
C MET C 48 9.61 18.91 9.58
N GLY C 49 8.67 18.12 10.10
CA GLY C 49 7.26 18.47 10.20
C GLY C 49 6.40 17.25 10.53
N GLY C 50 5.10 17.47 10.68
CA GLY C 50 4.21 16.37 11.00
C GLY C 50 2.80 16.70 10.55
N ILE C 51 1.92 15.70 10.63
CA ILE C 51 0.57 15.78 10.17
C ILE C 51 -0.40 15.15 11.19
N ILE C 52 -1.54 15.79 11.37
CA ILE C 52 -2.52 15.48 12.42
C ILE C 52 -3.59 14.58 11.80
N PRO C 53 -4.07 13.56 12.52
CA PRO C 53 -5.09 12.72 11.89
C PRO C 53 -6.45 13.45 11.86
N ILE C 54 -7.28 13.05 10.92
CA ILE C 54 -8.58 13.59 10.60
C ILE C 54 -8.50 14.98 10.07
N PHE C 55 -7.95 15.89 10.85
CA PHE C 55 -7.84 17.26 10.38
C PHE C 55 -6.96 17.38 9.13
N GLY C 56 -5.95 16.53 9.00
CA GLY C 56 -4.97 16.66 7.93
C GLY C 56 -4.05 17.86 7.95
N THR C 57 -4.10 18.68 9.01
CA THR C 57 -3.25 19.85 9.15
C THR C 57 -1.77 19.46 9.25
N THR C 58 -0.91 20.28 8.67
CA THR C 58 0.51 20.05 8.73
C THR C 58 1.20 21.19 9.43
N LYS C 59 2.35 20.91 10.02
CA LYS C 59 3.20 21.94 10.57
C LYS C 59 4.58 21.62 10.09
N TYR C 60 5.33 22.63 9.63
CA TYR C 60 6.66 22.41 9.15
C TYR C 60 7.66 23.24 9.89
N ALA C 61 8.89 22.72 10.01
CA ALA C 61 10.00 23.48 10.56
C ALA C 61 10.38 24.62 9.62
N PRO C 62 10.76 25.79 10.15
CA PRO C 62 11.13 26.90 9.29
C PRO C 62 12.21 26.57 8.26
N LYS C 63 13.15 25.73 8.65
CA LYS C 63 14.21 25.33 7.77
C LYS C 63 13.71 24.56 6.53
N PHE C 64 12.53 23.95 6.59
CA PHE C 64 12.03 23.13 5.46
C PHE C 64 10.77 23.67 4.81
N GLN C 65 10.14 24.62 5.47
CA GLN C 65 8.89 25.24 4.99
C GLN C 65 9.10 25.77 3.61
N GLY C 66 8.19 25.46 2.71
CA GLY C 66 8.32 25.89 1.33
C GLY C 66 8.87 24.74 0.50
N ARG C 67 9.58 23.77 1.08
CA ARG C 67 10.01 22.67 0.21
C ARG C 67 9.75 21.28 0.69
N VAL C 68 9.03 21.12 1.81
CA VAL C 68 8.62 19.80 2.27
C VAL C 68 7.10 19.77 2.17
N THR C 69 6.56 18.64 1.70
CA THR C 69 5.15 18.38 1.78
C THR C 69 4.92 17.03 2.45
N ILE C 70 4.11 17.04 3.51
CA ILE C 70 3.73 15.83 4.18
C ILE C 70 2.25 15.58 3.86
N THR C 71 1.94 14.34 3.43
CA THR C 71 0.60 13.92 3.07
C THR C 71 0.23 12.56 3.73
N ALA C 72 -1.05 12.21 3.73
CA ALA C 72 -1.47 10.95 4.34
C ALA C 72 -2.46 10.27 3.41
N ASP C 73 -2.37 8.95 3.27
CA ASP C 73 -3.42 8.17 2.64
C ASP C 73 -4.00 7.32 3.76
N ASP C 74 -5.12 7.72 4.34
CA ASP C 74 -5.49 7.06 5.60
C ASP C 74 -5.99 5.62 5.40
N PHE C 75 -6.63 5.31 4.28
CA PHE C 75 -7.08 3.93 4.03
C PHE C 75 -5.89 2.97 3.80
N ALA C 76 -4.74 3.50 3.38
CA ALA C 76 -3.55 2.68 3.22
C ALA C 76 -2.71 2.64 4.50
N GLY C 77 -3.06 3.43 5.53
CA GLY C 77 -2.27 3.50 6.76
C GLY C 77 -0.85 4.05 6.54
N THR C 78 -0.70 4.96 5.58
CA THR C 78 0.59 5.44 5.10
C THR C 78 0.64 6.98 5.14
N VAL C 79 1.79 7.51 5.52
CA VAL C 79 2.09 8.94 5.41
C VAL C 79 3.34 9.12 4.53
N TYR C 80 3.45 10.26 3.87
CA TYR C 80 4.51 10.51 2.93
C TYR C 80 5.18 11.79 3.25
N MET C 81 6.48 11.85 2.93
CA MET C 81 7.24 13.08 3.01
C MET C 81 7.88 13.30 1.64
N GLU C 82 7.59 14.44 1.03
CA GLU C 82 8.24 14.85 -0.21
C GLU C 82 9.07 16.10 0.06
N LEU C 83 10.34 16.03 -0.27
CA LEU C 83 11.27 17.12 -0.09
C LEU C 83 11.80 17.46 -1.49
N SER C 84 11.64 18.70 -1.92
CA SER C 84 12.02 19.15 -3.25
C SER C 84 13.23 20.07 -3.19
N SER C 85 13.70 20.49 -4.36
CA SER C 85 14.90 21.31 -4.48
C SER C 85 16.08 20.79 -3.65
N LEU C 86 16.37 19.51 -3.83
CA LEU C 86 17.35 18.82 -2.98
C LEU C 86 18.70 19.41 -3.11
N ARG C 87 19.42 19.44 -2.00
CA ARG C 87 20.83 19.79 -1.98
C ARG C 87 21.64 18.63 -1.35
N SER C 88 22.97 18.70 -1.52
CA SER C 88 23.84 17.66 -0.97
C SER C 88 23.75 17.60 0.57
N GLU C 89 23.50 18.70 1.25
CA GLU C 89 23.20 18.60 2.68
C GLU C 89 21.83 18.04 3.03
N ASP C 90 21.00 17.64 2.07
CA ASP C 90 19.83 16.84 2.40
C ASP C 90 20.19 15.37 2.56
N THR C 91 21.48 15.04 2.37
CA THR C 91 21.97 13.67 2.59
C THR C 91 21.83 13.33 4.09
N ALA C 92 21.00 12.35 4.37
CA ALA C 92 20.63 12.05 5.73
C ALA C 92 19.91 10.73 5.88
N MET C 93 19.79 10.27 7.10
CA MET C 93 18.76 9.27 7.44
C MET C 93 17.39 9.95 7.75
N TYR C 94 16.33 9.45 7.14
CA TYR C 94 14.97 10.00 7.29
C TYR C 94 14.07 9.03 8.09
N TYR C 95 13.59 9.50 9.22
CA TYR C 95 12.76 8.72 10.12
C TYR C 95 11.33 9.23 10.13
N CYS C 96 10.35 8.35 10.06
CA CYS C 96 9.01 8.68 10.61
C CYS C 96 8.92 8.34 12.06
N ALA C 97 8.09 9.05 12.79
CA ALA C 97 7.91 8.74 14.21
C ALA C 97 6.54 9.19 14.63
N LYS C 98 5.89 8.41 15.46
CA LYS C 98 4.54 8.78 15.85
C LYS C 98 4.59 9.50 17.16
N HIS C 99 3.56 10.31 17.41
CA HIS C 99 3.34 10.95 18.67
C HIS C 99 2.39 10.13 19.50
N MET C 100 2.25 10.50 20.75
CA MET C 100 1.43 9.77 21.68
C MET C 100 -0.08 10.10 21.46
N GLY C 101 -0.37 11.27 20.95
CA GLY C 101 -1.75 11.70 20.67
C GLY C 101 -1.84 12.37 19.32
N TYR C 102 -2.94 13.07 19.11
CA TYR C 102 -3.27 13.62 17.81
C TYR C 102 -2.45 14.85 17.45
N GLN C 103 -1.83 15.49 18.44
CA GLN C 103 -1.08 16.72 18.19
C GLN C 103 0.42 16.46 18.02
N VAL C 104 1.03 17.21 17.11
CA VAL C 104 2.48 17.17 16.97
C VAL C 104 3.16 17.76 18.22
N ARG C 105 4.19 17.12 18.71
CA ARG C 105 4.94 17.71 19.83
C ARG C 105 6.30 17.08 19.99
N GLU C 106 7.01 17.40 21.05
CA GLU C 106 8.40 16.96 21.24
C GLU C 106 8.60 15.47 21.51
N THR C 107 7.50 14.78 21.80
CA THR C 107 7.49 13.38 22.23
C THR C 107 7.05 12.44 21.12
N MET C 108 7.99 11.62 20.70
CA MET C 108 7.73 10.69 19.66
C MET C 108 8.18 9.35 20.22
N ASP C 109 7.21 8.47 20.42
CA ASP C 109 7.38 7.26 21.22
C ASP C 109 7.75 6.03 20.42
N VAL C 110 7.42 6.00 19.12
CA VAL C 110 7.79 4.88 18.28
C VAL C 110 8.32 5.45 16.99
N TRP C 111 9.47 4.93 16.55
CA TRP C 111 10.20 5.40 15.38
C TRP C 111 10.37 4.33 14.34
N GLY C 112 10.30 4.69 13.07
CA GLY C 112 10.76 3.78 12.04
C GLY C 112 12.27 3.54 12.20
N LYS C 113 12.77 2.57 11.46
CA LYS C 113 14.19 2.29 11.48
C LYS C 113 15.00 3.28 10.64
N GLY C 114 14.34 4.12 9.87
CA GLY C 114 15.05 5.10 9.06
C GLY C 114 15.30 4.65 7.66
N THR C 115 15.28 5.60 6.74
CA THR C 115 15.72 5.30 5.39
C THR C 115 16.71 6.40 4.92
N THR C 116 17.70 5.98 4.20
CA THR C 116 18.78 6.87 3.75
C THR C 116 18.39 7.56 2.47
N VAL C 117 18.64 8.87 2.40
CA VAL C 117 18.58 9.56 1.14
C VAL C 117 19.97 10.17 0.89
N THR C 118 20.55 9.91 -0.28
CA THR C 118 21.87 10.45 -0.65
C THR C 118 21.67 11.37 -1.84
N VAL C 119 22.06 12.64 -1.69
CA VAL C 119 21.91 13.56 -2.76
C VAL C 119 23.32 13.83 -3.27
N SER C 120 23.55 13.56 -4.54
CA SER C 120 24.84 13.85 -5.15
C SER C 120 24.73 14.17 -6.62
N SER C 121 25.69 14.95 -7.13
CA SER C 121 25.73 15.24 -8.56
C SER C 121 26.25 14.07 -9.39
N ALA C 122 26.88 13.10 -8.75
CA ALA C 122 27.39 11.93 -9.46
C ALA C 122 26.25 11.13 -10.06
N SER C 123 26.59 10.39 -11.11
CA SER C 123 25.76 9.35 -11.73
C SER C 123 26.37 8.01 -11.40
N THR C 124 25.59 6.95 -11.61
CA THR C 124 26.02 5.60 -11.27
C THR C 124 27.12 5.12 -12.23
N LYS C 125 28.25 4.69 -11.67
CA LYS C 125 29.40 4.26 -12.45
C LYS C 125 30.11 3.08 -11.78
N GLY C 126 30.77 2.27 -12.60
CA GLY C 126 31.57 1.15 -12.12
C GLY C 126 33.05 1.50 -12.01
N PRO C 127 33.77 0.80 -11.12
CA PRO C 127 35.21 1.01 -10.85
C PRO C 127 36.22 0.39 -11.84
N SER C 128 37.28 1.15 -12.13
CA SER C 128 38.49 0.68 -12.82
C SER C 128 39.62 0.35 -11.81
N VAL C 129 40.45 -0.66 -12.13
CA VAL C 129 41.38 -1.27 -11.17
C VAL C 129 42.85 -1.04 -11.58
N PHE C 130 43.68 -0.52 -10.68
CA PHE C 130 45.14 -0.34 -10.93
C PHE C 130 46.04 -1.04 -9.90
N PRO C 131 47.11 -1.74 -10.38
CA PRO C 131 48.23 -2.32 -9.63
C PRO C 131 49.10 -1.34 -8.84
N LEU C 132 49.49 -1.73 -7.62
CA LEU C 132 50.39 -0.91 -6.78
C LEU C 132 51.70 -1.65 -6.50
N GLY C 147 48.66 -5.16 -2.53
CA GLY C 147 48.39 -3.83 -3.08
C GLY C 147 47.37 -3.88 -4.20
N CYS C 148 46.49 -2.86 -4.23
CA CYS C 148 45.43 -2.73 -5.25
C CYS C 148 44.72 -1.34 -5.18
N LEU C 149 44.13 -0.87 -6.29
CA LEU C 149 43.47 0.45 -6.33
C LEU C 149 42.15 0.37 -7.11
N VAL C 150 41.04 0.57 -6.41
CA VAL C 150 39.69 0.58 -7.04
C VAL C 150 39.12 2.03 -7.12
N LYS C 151 39.13 2.58 -8.33
CA LYS C 151 38.50 3.88 -8.57
C LYS C 151 37.94 3.87 -9.98
N ASP C 152 36.87 4.62 -10.31
CA ASP C 152 36.08 5.49 -9.45
C ASP C 152 34.65 4.94 -9.54
N TYR C 153 33.99 4.73 -8.41
CA TYR C 153 32.62 4.17 -8.45
C TYR C 153 31.58 4.99 -7.66
N PHE C 154 30.30 4.73 -7.91
CA PHE C 154 29.18 5.42 -7.23
C PHE C 154 27.85 4.80 -7.61
N PRO C 155 26.94 4.56 -6.64
CA PRO C 155 27.01 4.63 -5.17
C PRO C 155 27.62 3.34 -4.59
N GLU C 156 27.18 2.88 -3.41
CA GLU C 156 28.00 1.92 -2.61
C GLU C 156 27.50 0.48 -2.36
N PRO C 157 28.45 -0.48 -2.26
CA PRO C 157 28.62 -1.76 -2.97
C PRO C 157 28.32 -3.05 -2.18
N VAL C 158 29.04 -4.15 -2.47
CA VAL C 158 29.11 -5.37 -1.63
C VAL C 158 30.08 -6.43 -2.22
N THR C 159 31.38 -6.22 -2.00
CA THR C 159 32.44 -6.98 -2.71
C THR C 159 32.98 -8.14 -1.86
N THR C 173 40.45 -4.67 3.25
CA THR C 173 40.73 -3.50 2.44
C THR C 173 40.28 -2.20 3.17
N PHE C 174 40.90 -1.09 2.80
CA PHE C 174 40.71 0.19 3.52
C PHE C 174 39.36 0.83 3.15
N PRO C 175 38.65 1.39 4.15
CA PRO C 175 37.38 2.04 3.86
C PRO C 175 37.46 3.00 2.67
N ALA C 176 36.36 3.10 1.92
CA ALA C 176 36.28 3.97 0.75
C ALA C 176 36.56 5.43 1.09
N VAL C 177 37.30 6.12 0.23
CA VAL C 177 37.35 7.59 0.26
C VAL C 177 36.32 8.11 -0.74
N LEU C 178 35.87 9.34 -0.54
CA LEU C 178 34.89 9.99 -1.42
C LEU C 178 35.56 11.24 -1.97
N GLN C 179 35.75 11.26 -3.28
CA GLN C 179 36.53 12.30 -3.93
C GLN C 179 35.74 13.58 -4.15
N SER C 180 36.43 14.59 -4.67
CA SER C 180 35.96 15.98 -4.78
C SER C 180 34.89 16.19 -5.85
N SER C 181 35.25 14.30 -7.12
CA SER C 181 34.29 14.11 -8.20
C SER C 181 32.96 13.50 -7.73
N GLY C 182 32.75 13.38 -6.41
CA GLY C 182 31.62 12.60 -5.90
C GLY C 182 31.73 11.09 -6.12
N LEU C 183 32.87 10.61 -6.62
CA LEU C 183 33.03 9.19 -6.83
C LEU C 183 33.87 8.57 -5.68
N TYR C 184 33.65 7.29 -5.41
CA TYR C 184 34.26 6.64 -4.26
C TYR C 184 35.51 5.85 -4.68
N SER C 185 36.67 6.32 -4.21
CA SER C 185 37.96 5.58 -4.32
C SER C 185 38.32 4.89 -3.00
N LEU C 186 38.73 3.64 -3.11
CA LEU C 186 39.14 2.84 -1.97
C LEU C 186 40.38 2.09 -2.37
N SER C 187 41.30 1.82 -1.45
CA SER C 187 42.45 0.94 -1.76
C SER C 187 42.46 -0.35 -0.91
N VAL D 3 18.14 26.73 18.88
CA VAL D 3 18.70 25.40 19.32
C VAL D 3 18.98 25.37 20.84
N LEU D 4 19.07 24.15 21.35
CA LEU D 4 19.29 23.90 22.76
C LEU D 4 20.73 23.42 22.88
N THR D 5 21.34 23.77 24.00
CA THR D 5 22.78 23.57 24.16
C THR D 5 22.99 22.42 25.13
N GLN D 6 23.76 21.43 24.69
CA GLN D 6 24.14 20.29 25.52
C GLN D 6 25.67 20.26 25.54
N PRO D 7 26.27 19.63 26.57
CA PRO D 7 27.69 19.26 26.51
C PRO D 7 27.96 18.26 25.37
N PRO D 8 29.10 18.37 24.66
CA PRO D 8 29.34 17.39 23.59
C PRO D 8 29.74 15.99 24.06
N SER D 9 30.32 15.90 25.27
CA SER D 9 30.80 14.63 25.83
C SER D 9 31.24 14.82 27.27
N VAL D 10 30.17 13.22 28.15
CA VAL D 10 30.29 13.00 29.57
C VAL D 10 30.58 11.52 29.83
N SER D 11 31.41 11.23 30.84
CA SER D 11 31.90 9.86 31.08
C SER D 11 31.84 9.45 32.54
N ALA D 12 31.74 8.15 32.77
CA ALA D 12 31.84 7.63 34.12
C ALA D 12 32.18 6.13 34.08
N ALA D 13 32.13 5.49 35.24
CA ALA D 13 32.46 4.08 35.41
C ALA D 13 31.20 3.27 35.76
N PRO D 14 31.21 1.95 35.48
CA PRO D 14 30.04 1.16 35.89
C PRO D 14 29.55 1.41 37.34
N GLY D 15 28.25 1.58 37.52
CA GLY D 15 27.67 1.92 38.84
C GLY D 15 27.64 3.42 39.13
N GLN D 16 28.62 4.16 38.61
CA GLN D 16 28.74 5.63 38.71
C GLN D 16 27.52 6.41 38.09
N LYS D 17 27.48 7.73 38.35
CA LYS D 17 26.37 8.59 37.90
C LYS D 17 26.85 9.80 37.10
N VAL D 18 26.20 10.03 35.97
CA VAL D 18 26.49 11.21 35.17
C VAL D 18 25.18 11.97 34.88
N THR D 19 25.33 13.27 34.63
CA THR D 19 24.19 14.11 34.31
C THR D 19 24.53 14.84 33.04
N ILE D 20 23.54 14.89 32.16
CA ILE D 20 23.64 15.59 30.89
C ILE D 20 22.68 16.78 30.98
N SER D 21 23.17 17.98 30.74
CA SER D 21 22.36 19.18 30.90
C SER D 21 21.83 19.67 29.55
N CYS D 22 20.71 20.38 29.57
CA CYS D 22 20.13 20.91 28.32
C CYS D 22 19.69 22.35 28.53
N SER D 23 20.41 23.30 27.96
CA SER D 23 20.14 24.73 28.22
C SER D 23 19.43 25.38 27.02
N GLY D 24 18.32 26.07 27.27
CA GLY D 24 17.61 26.73 26.19
C GLY D 24 17.28 28.19 26.45
N SER D 25 16.02 28.54 26.28
CA SER D 25 15.57 29.90 26.49
C SER D 25 14.11 29.86 26.86
N SER D 26 13.51 31.04 27.02
CA SER D 26 12.15 31.15 27.57
C SER D 26 11.07 30.75 26.56
N SER D 27 11.37 30.89 25.27
CA SER D 27 10.43 30.46 24.24
C SER D 27 10.39 28.92 24.11
N ASN D 28 11.45 28.23 24.51
CA ASN D 28 11.46 26.77 24.40
C ASN D 28 11.42 26.01 25.75
N ILE D 29 12.54 25.75 26.38
CA ILE D 29 12.51 24.99 27.65
C ILE D 29 11.71 25.73 28.74
N GLY D 30 11.79 27.06 28.72
CA GLY D 30 11.10 27.90 29.68
C GLY D 30 9.63 27.56 29.89
N ASN D 31 8.88 27.35 28.81
CA ASN D 31 7.44 27.12 28.95
C ASN D 31 6.90 25.88 28.23
N ASP D 32 7.74 24.86 28.09
CA ASP D 32 7.34 23.62 27.44
C ASP D 32 7.97 22.38 28.13
N TYR D 33 7.43 21.21 27.82
CA TYR D 33 7.91 19.95 28.39
C TYR D 33 9.13 19.49 27.61
N VAL D 34 10.02 18.75 28.30
CA VAL D 34 11.29 18.33 27.69
C VAL D 34 11.28 16.83 27.59
N SER D 35 11.73 16.31 26.48
CA SER D 35 11.84 14.88 26.30
C SER D 35 13.30 14.53 26.04
N TRP D 36 13.68 13.30 26.31
CA TRP D 36 15.07 12.85 26.12
C TRP D 36 15.11 11.60 25.28
N TYR D 37 16.11 11.53 24.42
CA TYR D 37 16.19 10.37 23.52
C TYR D 37 17.60 9.75 23.61
N GLN D 38 17.63 8.41 23.66
CA GLN D 38 18.85 7.67 23.54
C GLN D 38 19.05 7.12 22.15
N GLN D 39 20.27 7.20 21.64
CA GLN D 39 20.58 6.59 20.34
C GLN D 39 21.87 5.78 20.33
N LEU D 40 21.74 4.48 20.16
CA LEU D 40 22.87 3.59 19.92
C LEU D 40 23.32 3.68 18.47
N PRO D 41 24.53 3.19 18.14
CA PRO D 41 24.93 3.16 16.73
C PRO D 41 24.01 2.32 15.87
N GLY D 42 23.75 2.80 14.65
CA GLY D 42 22.88 2.13 13.71
C GLY D 42 21.43 1.95 14.13
N THR D 43 20.94 2.73 15.08
CA THR D 43 19.52 2.60 15.42
C THR D 43 18.86 3.97 15.59
N ALA D 44 17.53 3.93 15.63
CA ALA D 44 16.70 5.15 15.71
C ALA D 44 16.72 5.68 17.12
N PRO D 45 16.64 7.01 17.29
CA PRO D 45 16.46 7.53 18.60
C PRO D 45 15.32 6.79 19.31
N LYS D 46 15.49 6.57 20.61
CA LYS D 46 14.54 5.85 21.45
C LYS D 46 14.21 6.76 22.62
N LEU D 47 12.92 6.89 22.90
CA LEU D 47 12.44 7.79 23.95
C LEU D 47 12.77 7.24 25.34
N LEU D 48 13.42 8.07 26.15
CA LEU D 48 13.79 7.71 27.50
C LEU D 48 12.90 8.42 28.54
N ILE D 49 12.74 9.71 28.38
CA ILE D 49 11.94 10.56 29.30
C ILE D 49 11.02 11.47 28.48
N TYR D 50 9.77 11.63 28.92
CA TYR D 50 8.87 12.67 28.39
C TYR D 50 8.17 13.40 29.50
N ASP D 51 7.62 14.56 29.16
CA ASP D 51 6.98 15.42 30.13
C ASP D 51 7.96 15.71 31.26
N ASN D 52 9.20 16.03 30.90
CA ASN D 52 10.27 16.42 31.85
C ASN D 52 10.89 15.26 32.64
N ASN D 53 10.05 14.33 33.11
CA ASN D 53 10.48 13.31 34.03
C ASN D 53 9.72 11.98 34.04
N LYS D 54 8.78 11.75 33.11
CA LYS D 54 8.06 10.46 33.04
C LYS D 54 8.83 9.48 32.17
N ARG D 55 8.70 8.19 32.51
CA ARG D 55 9.43 7.11 31.84
C ARG D 55 8.47 6.27 31.06
N PRO D 56 8.73 6.06 29.75
CA PRO D 56 7.90 5.07 29.11
C PRO D 56 8.19 3.69 29.72
N SER D 57 7.26 2.76 29.53
CA SER D 57 7.52 1.37 29.87
C SER D 57 8.68 0.85 29.03
N GLY D 58 9.57 0.11 29.69
CA GLY D 58 10.74 -0.46 29.04
C GLY D 58 11.95 0.27 29.56
N ILE D 59 11.73 1.47 30.08
CA ILE D 59 12.81 2.30 30.56
C ILE D 59 12.89 2.16 32.10
N PRO D 60 14.10 1.91 32.63
CA PRO D 60 14.17 1.65 34.05
C PRO D 60 14.50 2.89 34.87
N ASP D 61 14.20 2.83 36.18
CA ASP D 61 14.39 3.98 37.10
C ASP D 61 15.84 4.44 37.29
N ARG D 62 16.76 3.81 36.57
CA ARG D 62 18.11 4.28 36.50
C ARG D 62 18.21 5.59 35.75
N PHE D 63 17.31 5.78 34.77
CA PHE D 63 17.25 7.03 34.01
C PHE D 63 16.18 7.88 34.62
N SER D 64 16.47 9.16 34.77
CA SER D 64 15.44 10.09 35.13
C SER D 64 15.77 11.44 34.58
N GLY D 65 14.81 12.36 34.67
CA GLY D 65 15.06 13.69 34.14
C GLY D 65 14.50 14.74 35.04
N SER D 66 15.06 15.94 34.87
CA SER D 66 14.59 17.07 35.60
C SER D 66 14.60 18.31 34.70
N LYS D 67 13.77 19.29 35.06
CA LYS D 67 13.68 20.60 34.37
C LYS D 67 13.51 21.73 35.37
N SER D 68 14.30 22.79 35.21
CA SER D 68 14.27 23.95 36.12
C SER D 68 14.48 25.27 35.36
N GLY D 69 13.42 26.07 35.28
CA GLY D 69 13.47 27.32 34.54
C GLY D 69 13.76 27.03 33.09
N THR D 70 14.90 27.54 32.62
CA THR D 70 15.32 27.44 31.22
C THR D 70 16.27 26.24 30.89
N SER D 71 16.37 25.28 31.80
CA SER D 71 17.36 24.18 31.68
C SER D 71 16.73 22.85 32.06
N ALA D 72 17.22 21.77 31.47
CA ALA D 72 16.73 20.42 31.79
C ALA D 72 17.94 19.52 31.98
N THR D 73 17.73 18.41 32.69
CA THR D 73 18.81 17.51 33.01
C THR D 73 18.37 16.07 32.95
N LEU D 74 19.22 15.25 32.34
CA LEU D 74 19.04 13.81 32.31
C LEU D 74 20.09 13.27 33.28
N GLY D 75 19.66 12.36 34.14
CA GLY D 75 20.54 11.70 35.08
C GLY D 75 20.53 10.20 34.78
N ILE D 76 21.73 9.60 34.83
CA ILE D 76 21.90 8.15 34.60
C ILE D 76 22.75 7.58 35.75
N THR D 77 22.13 6.80 36.61
CA THR D 77 22.88 6.21 37.74
C THR D 77 23.28 4.81 37.33
N GLY D 78 23.88 4.05 38.25
CA GLY D 78 24.22 2.65 37.99
C GLY D 78 24.82 2.40 36.61
N LEU D 79 25.70 3.29 36.16
CA LEU D 79 26.06 3.35 34.72
C LEU D 79 26.51 2.01 34.17
N GLN D 80 26.05 1.63 32.99
CA GLN D 80 26.48 0.40 32.33
C GLN D 80 27.15 0.64 31.01
N THR D 81 27.76 -0.43 30.51
CA THR D 81 28.49 -0.46 29.27
C THR D 81 27.58 -0.16 28.09
N GLY D 82 26.40 -0.79 28.11
CA GLY D 82 25.35 -0.61 27.08
C GLY D 82 24.73 0.79 27.00
N ASP D 83 24.90 1.59 28.06
CA ASP D 83 24.48 3.00 28.05
C ASP D 83 25.40 3.91 27.27
N GLU D 84 26.52 3.40 26.76
CA GLU D 84 27.37 4.20 25.90
C GLU D 84 26.59 4.59 24.63
N ALA D 85 26.42 5.89 24.38
CA ALA D 85 25.42 6.32 23.39
C ALA D 85 25.32 7.81 23.28
N ASN D 86 24.55 8.25 22.28
CA ASN D 86 24.23 9.66 22.14
C ASN D 86 22.90 9.94 22.80
N TYR D 87 22.82 11.08 23.45
CA TYR D 87 21.62 11.47 24.17
C TYR D 87 21.23 12.86 23.68
N TYR D 88 19.98 13.02 23.27
CA TYR D 88 19.44 14.27 22.74
C TYR D 88 18.22 14.69 23.58
N CYS D 89 18.16 15.96 23.97
CA CYS D 89 16.95 16.57 24.57
C CYS D 89 16.11 17.14 23.43
N ALA D 90 14.84 17.31 23.68
CA ALA D 90 13.90 17.88 22.70
C ALA D 90 12.79 18.62 23.44
N THR D 91 12.31 19.69 22.84
CA THR D 91 11.16 20.40 23.36
C THR D 91 10.47 21.15 22.21
N TRP D 92 9.45 21.90 22.56
CA TRP D 92 8.66 22.66 21.60
C TRP D 92 9.17 24.09 21.72
N ASP D 93 9.58 24.70 20.61
CA ASP D 93 9.92 26.12 20.59
C ASP D 93 8.79 26.94 19.95
N ARG D 94 8.05 27.67 20.78
CA ARG D 94 6.92 28.49 20.36
C ARG D 94 7.27 29.71 19.52
N ARG D 95 8.56 30.06 19.43
CA ARG D 95 8.97 31.40 19.04
C ARG D 95 8.89 31.65 17.55
N PRO D 96 10.01 31.45 16.80
CA PRO D 96 10.03 31.97 15.41
C PRO D 96 8.73 31.63 14.69
N THR D 97 8.55 30.36 14.37
CA THR D 97 7.24 29.76 14.17
C THR D 97 7.37 28.50 15.05
N ALA D 98 6.24 27.92 15.46
CA ALA D 98 6.33 26.79 16.39
C ALA D 98 6.95 25.53 15.75
N TYR D 99 7.89 24.94 16.45
CA TYR D 99 8.45 23.69 15.98
C TYR D 99 9.16 22.93 17.08
N VAL D 100 9.38 21.64 16.84
CA VAL D 100 10.04 20.78 17.79
C VAL D 100 11.53 21.06 17.62
N VAL D 101 12.25 21.36 18.68
CA VAL D 101 13.69 21.56 18.55
C VAL D 101 14.39 20.48 19.35
N PHE D 102 15.52 20.00 18.84
CA PHE D 102 16.35 19.05 19.56
C PHE D 102 17.65 19.70 20.02
N GLY D 103 18.19 19.21 21.11
CA GLY D 103 19.56 19.54 21.47
C GLY D 103 20.57 18.97 20.48
N GLY D 104 21.79 19.52 20.50
CA GLY D 104 22.87 19.14 19.61
C GLY D 104 23.52 17.81 19.90
N GLY D 105 23.24 17.21 21.06
CA GLY D 105 23.64 15.83 21.33
C GLY D 105 24.82 15.74 22.30
N THR D 106 24.78 14.76 23.21
CA THR D 106 25.90 14.49 24.11
C THR D 106 26.29 13.04 23.96
N LYS D 107 27.58 12.80 23.71
CA LYS D 107 28.13 11.44 23.61
C LYS D 107 28.63 11.00 24.97
N LEU D 108 28.05 9.93 25.49
CA LEU D 108 28.39 9.35 26.74
C LEU D 108 29.33 8.21 26.42
N THR D 109 30.55 8.27 26.95
CA THR D 109 31.52 7.17 26.80
C THR D 109 31.71 6.50 28.17
N VAL D 110 31.58 5.18 28.24
CA VAL D 110 31.77 4.45 29.50
C VAL D 110 33.17 3.85 29.52
N LEU D 111 33.94 4.13 30.58
CA LEU D 111 35.33 3.68 30.70
C LEU D 111 35.37 2.29 31.33
N GLU D 132 50.31 1.96 -15.42
CA GLU D 132 49.04 1.66 -16.08
C GLU D 132 48.04 2.84 -16.05
N GLU D 133 47.77 3.41 -14.87
CA GLU D 133 46.99 4.65 -14.78
C GLU D 133 47.76 5.82 -15.40
N LEU D 134 49.10 5.77 -15.34
CA LEU D 134 49.99 6.70 -16.09
C LEU D 134 49.74 6.60 -17.60
N GLN D 135 49.50 5.39 -18.11
CA GLN D 135 49.14 5.20 -19.53
C GLN D 135 47.80 5.88 -19.87
N ALA D 136 46.88 5.92 -18.91
CA ALA D 136 45.63 6.68 -19.07
C ALA D 136 45.80 8.20 -18.74
N ASN D 137 47.05 8.68 -18.73
CA ASN D 137 47.38 10.10 -18.45
C ASN D 137 46.98 10.60 -17.06
N LYS D 138 46.98 9.70 -16.08
CA LYS D 138 46.63 10.02 -14.69
C LYS D 138 47.71 9.51 -13.71
N ALA D 139 47.71 10.03 -12.49
CA ALA D 139 48.61 9.53 -11.45
C ALA D 139 48.04 9.85 -10.08
N THR D 140 47.97 8.86 -9.21
CA THR D 140 47.43 9.06 -7.88
C THR D 140 48.38 8.45 -6.86
N LEU D 141 48.94 9.29 -5.99
CA LEU D 141 49.78 8.82 -4.89
C LEU D 141 48.86 8.15 -3.86
N VAL D 142 49.21 6.93 -3.47
CA VAL D 142 48.42 6.11 -2.54
C VAL D 142 49.16 5.99 -1.19
N CYS D 143 48.71 6.74 -0.19
CA CYS D 143 49.25 6.63 1.19
C CYS D 143 48.30 5.82 2.11
N LEU D 144 48.60 4.53 2.30
CA LEU D 144 47.83 3.69 3.23
C LEU D 144 48.35 3.90 4.68
N ILE D 145 47.46 3.90 5.68
CA ILE D 145 47.84 4.16 7.11
C ILE D 145 47.13 3.22 8.10
N SER D 146 47.84 2.70 9.09
CA SER D 146 47.28 1.62 9.93
C SER D 146 47.86 1.43 11.35
N ASP D 147 47.04 0.82 12.23
CA ASP D 147 47.44 0.39 13.58
C ASP D 147 48.02 1.51 14.45
N PHE D 148 47.24 2.57 14.61
CA PHE D 148 47.56 3.67 15.53
C PHE D 148 46.44 3.82 16.56
N TYR D 149 46.63 4.66 17.58
CA TYR D 149 45.68 4.77 18.69
C TYR D 149 45.97 5.98 19.58
N GLY D 167 46.22 18.49 -4.89
CA GLY D 167 44.85 18.02 -4.68
C GLY D 167 44.78 16.84 -3.73
N VAL D 168 44.48 17.11 -2.45
CA VAL D 168 44.52 16.09 -1.41
C VAL D 168 43.11 15.62 -1.02
N GLU D 169 42.96 14.31 -0.84
CA GLU D 169 41.71 13.70 -0.35
C GLU D 169 42.06 12.61 0.70
N THR D 170 41.70 12.90 1.95
CA THR D 170 42.13 12.08 3.10
C THR D 170 40.97 11.34 3.78
N THR D 171 40.93 10.00 3.65
CA THR D 171 39.96 9.12 4.36
C THR D 171 40.00 9.27 5.89
N THR D 172 38.81 9.41 6.51
CA THR D 172 38.73 9.44 7.97
C THR D 172 39.22 8.13 8.63
N PRO D 173 39.61 8.24 9.93
CA PRO D 173 39.85 7.09 10.80
C PRO D 173 38.61 6.19 10.95
N SER D 174 38.71 4.95 10.50
CA SER D 174 37.73 3.94 10.87
C SER D 174 38.45 3.09 11.91
N LYS D 175 37.69 2.29 12.67
CA LYS D 175 38.26 1.40 13.67
C LYS D 175 38.21 -0.05 13.17
N GLN D 176 39.39 -0.67 13.09
CA GLN D 176 39.53 -2.06 12.62
C GLN D 176 38.93 -3.03 13.65
N SER D 177 38.55 -4.22 13.16
CA SER D 177 37.78 -5.19 13.95
C SER D 177 38.41 -5.55 15.31
N ASN D 178 41.13 -5.56 14.97
CA ASN D 178 42.27 -5.12 15.79
C ASN D 178 41.87 -4.15 16.88
N ASN D 179 40.66 -3.58 16.78
CA ASN D 179 40.18 -2.54 17.70
C ASN D 179 41.14 -1.33 17.79
N LYS D 180 41.86 -1.10 16.69
CA LYS D 180 42.74 0.06 16.53
C LYS D 180 42.19 0.92 15.38
N TYR D 181 42.91 1.99 15.01
CA TYR D 181 42.46 2.90 13.93
C TYR D 181 43.17 2.67 12.57
N ALA D 182 42.41 2.90 11.49
CA ALA D 182 42.89 2.78 10.11
C ALA D 182 42.51 4.04 9.32
N ALA D 183 43.15 4.28 8.18
CA ALA D 183 42.88 5.47 7.36
C ALA D 183 43.55 5.39 5.99
N SER D 184 43.36 6.42 5.17
CA SER D 184 44.19 6.64 3.96
C SER D 184 44.14 8.10 3.45
N SER D 185 45.15 8.45 2.64
CA SER D 185 45.19 9.74 1.94
C SER D 185 45.68 9.46 0.54
N TYR D 186 45.20 10.25 -0.41
CA TYR D 186 45.59 10.12 -1.80
C TYR D 186 45.85 11.53 -2.34
N LEU D 187 46.93 11.67 -3.10
CA LEU D 187 47.24 12.90 -3.81
C LEU D 187 46.97 12.66 -5.29
N SER D 188 46.08 13.47 -5.86
CA SER D 188 45.68 13.37 -7.27
C SER D 188 46.29 14.51 -8.10
N CYS D 202 54.34 12.05 2.05
CA CYS D 202 53.23 11.73 2.94
C CYS D 202 53.71 11.65 4.40
N GLN D 203 53.38 12.70 5.17
CA GLN D 203 53.58 12.74 6.64
C GLN D 203 54.44 11.60 7.21
#